data_5W0B
#
_entry.id   5W0B
#
_cell.length_a   141.232
_cell.length_b   141.232
_cell.length_c   174.475
_cell.angle_alpha   90.000
_cell.angle_beta   90.000
_cell.angle_gamma   120.000
#
_symmetry.space_group_name_H-M   'P 61'
#
loop_
_entity.id
_entity.type
_entity.pdbx_description
1 polymer 'Terminal uridylyltransferase 7'
2 non-polymer 'ZINC ION'
3 non-polymer 'SULFATE ION'
4 non-polymer 'IODIDE ION'
5 water water
#
_entity_poly.entity_id   1
_entity_poly.type   'polypeptide(L)'
_entity_poly.pdbx_seq_one_letter_code
;GAGAGSKRIQLEPLPPLTPKFLNILDQVCIQCYKDFSPTIIEDQAREHIRQNLESFIRQDFPGTKLSLFGSSKNGFGFKQ
SDLAVCMTINGLETAEGLDCVRTIEELARVLRKHSGLRNILPITTAKVPIVKFFHLRSGLEVDISLYNTLALHNTRLLSA
YSAIDPRVKYLCYTMKVFTKMCDIGDASRGSLSSYAYTLMVLYFLQQRNPPVIPVLQEIYKGEKKPEIFVDGWNIYFFDQ
IDELPTYWSECGKNTESVGQLWLGLLRFYTEEFDFKEHVISIRRKSLLTTFKKQWTSKYIVIEDPFDLNHNLGAGLSRKM
TNFIMKAFINGRRVFGIPVKGFPKDYPSKMEYFFDPDVLTEGELAPNDRCCRICGKIGHFMKDCPMRRK
;
_entity_poly.pdbx_strand_id   A,B,C
#
# COMPACT_ATOMS: atom_id res chain seq x y z
N GLN A 10 36.70 -18.97 14.47
CA GLN A 10 35.77 -20.08 14.36
C GLN A 10 34.45 -19.74 15.04
N LEU A 11 33.37 -20.40 14.62
CA LEU A 11 32.03 -20.11 15.08
C LEU A 11 31.53 -21.20 16.01
N GLU A 12 30.50 -20.86 16.78
CA GLU A 12 29.88 -21.83 17.68
C GLU A 12 28.92 -22.71 16.89
N PRO A 13 28.99 -24.03 17.03
CA PRO A 13 28.07 -24.90 16.28
C PRO A 13 26.61 -24.58 16.59
N LEU A 14 25.74 -24.86 15.62
CA LEU A 14 24.32 -24.66 15.80
C LEU A 14 23.63 -25.98 16.16
N PRO A 15 22.57 -25.94 16.94
CA PRO A 15 21.84 -27.17 17.26
C PRO A 15 21.16 -27.73 16.02
N PRO A 16 20.65 -28.95 16.08
CA PRO A 16 19.99 -29.51 14.90
C PRO A 16 18.66 -28.82 14.62
N LEU A 17 18.25 -28.90 13.36
CA LEU A 17 17.03 -28.25 12.92
C LEU A 17 15.83 -29.17 13.15
N THR A 18 14.82 -28.63 13.76
CA THR A 18 13.57 -29.35 13.97
C THR A 18 12.64 -29.12 12.78
N PRO A 19 11.93 -30.15 12.31
CA PRO A 19 11.07 -29.96 11.12
C PRO A 19 10.07 -28.83 11.27
N LYS A 20 9.66 -28.49 12.50
CA LYS A 20 8.73 -27.40 12.72
C LYS A 20 9.39 -26.06 12.41
N PHE A 21 10.49 -25.76 13.11
CA PHE A 21 11.21 -24.51 12.87
C PHE A 21 11.62 -24.37 11.42
N LEU A 22 12.04 -25.47 10.79
CA LEU A 22 12.41 -25.41 9.38
C LEU A 22 11.21 -25.03 8.51
N ASN A 23 10.02 -25.54 8.85
CA ASN A 23 8.82 -25.15 8.12
C ASN A 23 8.55 -23.66 8.26
N ILE A 24 8.92 -23.06 9.39
CA ILE A 24 8.71 -21.63 9.58
C ILE A 24 9.72 -20.84 8.78
N LEU A 25 10.97 -21.31 8.70
CA LEU A 25 11.95 -20.63 7.87
C LEU A 25 11.52 -20.62 6.41
N ASP A 26 10.87 -21.69 5.95
CA ASP A 26 10.33 -21.71 4.60
C ASP A 26 9.37 -20.55 4.38
N GLN A 27 8.40 -20.39 5.29
CA GLN A 27 7.39 -19.35 5.12
C GLN A 27 8.00 -17.96 5.13
N VAL A 28 9.07 -17.75 5.91
CA VAL A 28 9.72 -16.44 5.95
C VAL A 28 10.39 -16.16 4.62
N CYS A 29 11.14 -17.13 4.09
CA CYS A 29 11.80 -16.93 2.80
C CYS A 29 10.77 -16.66 1.71
N ILE A 30 9.66 -17.41 1.71
CA ILE A 30 8.63 -17.20 0.69
C ILE A 30 7.96 -15.84 0.88
N GLN A 31 7.73 -15.44 2.13
CA GLN A 31 7.07 -14.17 2.38
C GLN A 31 7.94 -12.99 1.97
N CYS A 32 9.26 -13.13 2.04
CA CYS A 32 10.14 -12.06 1.56
C CYS A 32 9.88 -11.75 0.09
N TYR A 33 9.37 -12.74 -0.66
CA TYR A 33 9.07 -12.51 -2.08
C TYR A 33 7.68 -11.90 -2.26
N LYS A 34 6.66 -12.53 -1.67
CA LYS A 34 5.29 -12.05 -1.86
C LYS A 34 5.11 -10.64 -1.31
N ASP A 35 5.68 -10.36 -0.12
CA ASP A 35 5.41 -9.10 0.54
C ASP A 35 6.08 -7.92 -0.17
N PHE A 36 7.17 -8.15 -0.89
CA PHE A 36 8.00 -7.05 -1.38
C PHE A 36 8.22 -7.05 -2.89
N SER A 37 7.81 -8.09 -3.61
CA SER A 37 7.84 -8.02 -5.07
C SER A 37 6.65 -7.21 -5.58
N PRO A 38 6.78 -6.56 -6.73
CA PRO A 38 5.68 -5.73 -7.22
C PRO A 38 4.52 -6.57 -7.72
N THR A 39 3.32 -6.00 -7.63
CA THR A 39 2.15 -6.65 -8.18
C THR A 39 2.17 -6.54 -9.71
N ILE A 40 1.30 -7.31 -10.36
CA ILE A 40 1.22 -7.23 -11.81
C ILE A 40 0.69 -5.85 -12.23
N ILE A 41 -0.17 -5.24 -11.43
CA ILE A 41 -0.70 -3.93 -11.76
C ILE A 41 0.40 -2.87 -11.65
N GLU A 42 1.29 -3.02 -10.66
CA GLU A 42 2.37 -2.06 -10.50
C GLU A 42 3.44 -2.22 -11.58
N ASP A 43 3.67 -3.45 -12.04
CA ASP A 43 4.55 -3.64 -13.20
C ASP A 43 3.94 -3.05 -14.46
N GLN A 44 2.65 -3.28 -14.68
CA GLN A 44 1.96 -2.65 -15.80
C GLN A 44 2.04 -1.13 -15.70
N ALA A 45 2.00 -0.58 -14.48
CA ALA A 45 2.13 0.86 -14.31
C ALA A 45 3.51 1.33 -14.74
N ARG A 46 4.55 0.51 -14.50
CA ARG A 46 5.89 0.84 -14.97
C ARG A 46 5.95 0.82 -16.49
N GLU A 47 5.26 -0.14 -17.11
CA GLU A 47 5.19 -0.17 -18.57
C GLU A 47 4.52 1.09 -19.11
N HIS A 48 3.43 1.53 -18.49
CA HIS A 48 2.75 2.74 -18.96
C HIS A 48 3.64 3.96 -18.82
N ILE A 49 4.47 4.02 -17.78
CA ILE A 49 5.41 5.14 -17.66
C ILE A 49 6.38 5.13 -18.83
N ARG A 50 6.84 3.95 -19.24
CA ARG A 50 7.77 3.86 -20.37
C ARG A 50 7.13 4.37 -21.65
N GLN A 51 5.88 3.99 -21.91
CA GLN A 51 5.23 4.38 -23.16
C GLN A 51 5.07 5.89 -23.25
N ASN A 52 4.71 6.54 -22.14
CA ASN A 52 4.44 7.97 -22.18
C ASN A 52 5.72 8.79 -22.20
N LEU A 53 6.80 8.30 -21.62
CA LEU A 53 8.09 8.96 -21.78
C LEU A 53 8.59 8.85 -23.21
N GLU A 54 8.39 7.68 -23.85
CA GLU A 54 8.84 7.49 -25.21
C GLU A 54 8.17 8.48 -26.16
N SER A 55 6.85 8.65 -26.02
CA SER A 55 6.14 9.60 -26.86
C SER A 55 6.57 11.03 -26.58
N PHE A 56 6.85 11.34 -25.31
CA PHE A 56 7.25 12.70 -24.95
C PHE A 56 8.63 13.03 -25.52
N ILE A 57 9.57 12.10 -25.41
CA ILE A 57 10.92 12.35 -25.91
C ILE A 57 10.95 12.32 -27.45
N ARG A 58 10.04 11.56 -28.06
CA ARG A 58 10.00 11.49 -29.52
C ARG A 58 9.77 12.85 -30.16
N GLN A 59 9.22 13.82 -29.42
CA GLN A 59 8.99 15.15 -29.98
C GLN A 59 10.31 15.82 -30.36
N ASP A 60 11.36 15.62 -29.56
CA ASP A 60 12.64 16.26 -29.78
C ASP A 60 13.74 15.30 -30.20
N PHE A 61 13.53 13.99 -30.03
CA PHE A 61 14.47 12.97 -30.51
C PHE A 61 13.67 11.94 -31.29
N PRO A 62 13.30 12.25 -32.54
CA PRO A 62 12.51 11.31 -33.32
C PRO A 62 13.22 9.97 -33.46
N GLY A 63 12.43 8.89 -33.42
CA GLY A 63 12.95 7.55 -33.46
C GLY A 63 13.35 6.97 -32.11
N THR A 64 13.14 7.72 -31.03
CA THR A 64 13.51 7.24 -29.70
C THR A 64 12.79 5.93 -29.39
N LYS A 65 13.53 5.00 -28.80
CA LYS A 65 12.99 3.76 -28.28
C LYS A 65 13.48 3.57 -26.85
N LEU A 66 12.56 3.36 -25.92
CA LEU A 66 12.89 3.19 -24.52
C LEU A 66 12.62 1.75 -24.09
N SER A 67 13.50 1.23 -23.25
CA SER A 67 13.37 -0.13 -22.73
C SER A 67 13.72 -0.14 -21.25
N LEU A 68 12.95 -0.90 -20.48
CA LEU A 68 13.21 -1.05 -19.06
C LEU A 68 14.23 -2.16 -18.82
N PHE A 69 15.15 -1.90 -17.89
CA PHE A 69 16.12 -2.90 -17.48
C PHE A 69 16.27 -2.81 -15.96
N GLY A 70 17.28 -3.49 -15.43
CA GLY A 70 17.52 -3.45 -13.99
C GLY A 70 16.44 -4.18 -13.22
N SER A 71 16.20 -3.70 -11.99
CA SER A 71 15.22 -4.32 -11.11
C SER A 71 13.82 -4.34 -11.71
N SER A 72 13.52 -3.44 -12.64
CA SER A 72 12.19 -3.41 -13.26
C SER A 72 11.89 -4.65 -14.07
N LYS A 73 12.92 -5.38 -14.52
CA LYS A 73 12.73 -6.49 -15.45
C LYS A 73 13.52 -7.75 -15.10
N ASN A 74 14.46 -7.69 -14.15
CA ASN A 74 15.28 -8.86 -13.86
C ASN A 74 14.57 -9.88 -12.97
N GLY A 75 13.38 -9.57 -12.47
CA GLY A 75 12.65 -10.50 -11.65
C GLY A 75 13.00 -10.49 -10.17
N PHE A 76 13.74 -9.49 -9.70
CA PHE A 76 14.13 -9.40 -8.30
C PHE A 76 13.91 -8.01 -7.72
N GLY A 77 13.16 -7.14 -8.41
CA GLY A 77 12.98 -5.79 -7.93
C GLY A 77 11.93 -5.67 -6.84
N PHE A 78 12.07 -4.62 -6.04
CA PHE A 78 11.11 -4.28 -5.01
C PHE A 78 10.11 -3.26 -5.52
N LYS A 79 9.03 -3.08 -4.76
CA LYS A 79 8.21 -1.90 -4.91
C LYS A 79 9.04 -0.68 -4.54
N GLN A 80 8.83 0.42 -5.26
CA GLN A 80 9.57 1.67 -5.06
C GLN A 80 11.01 1.55 -5.53
N SER A 81 11.39 0.47 -6.20
CA SER A 81 12.69 0.40 -6.83
C SER A 81 12.79 1.45 -7.93
N ASP A 82 13.99 1.96 -8.13
CA ASP A 82 14.20 2.94 -9.19
C ASP A 82 13.90 2.32 -10.55
N LEU A 83 13.18 3.06 -11.39
CA LEU A 83 12.85 2.62 -12.74
C LEU A 83 14.02 2.95 -13.66
N ALA A 84 14.67 1.91 -14.20
CA ALA A 84 15.85 2.08 -15.03
C ALA A 84 15.46 1.95 -16.50
N VAL A 85 15.77 2.98 -17.29
CA VAL A 85 15.35 3.06 -18.68
C VAL A 85 16.59 3.17 -19.57
N CYS A 86 16.57 2.42 -20.67
CA CYS A 86 17.63 2.48 -21.68
C CYS A 86 17.07 3.14 -22.93
N MET A 87 17.77 4.16 -23.42
CA MET A 87 17.32 4.95 -24.56
C MET A 87 18.20 4.67 -25.77
N THR A 88 17.55 4.36 -26.90
CA THR A 88 18.21 4.27 -28.20
C THR A 88 17.43 5.09 -29.20
N ILE A 89 18.06 5.39 -30.34
CA ILE A 89 17.44 6.17 -31.40
C ILE A 89 17.50 5.35 -32.68
N ASN A 90 16.36 5.14 -33.31
CA ASN A 90 16.32 4.37 -34.55
C ASN A 90 17.17 5.04 -35.61
N GLY A 91 17.92 4.23 -36.35
CA GLY A 91 18.91 4.72 -37.28
C GLY A 91 20.29 4.90 -36.67
N LEU A 92 20.39 4.85 -35.35
CA LEU A 92 21.67 4.89 -34.65
C LEU A 92 21.87 3.51 -34.02
N GLU A 93 22.51 2.62 -34.77
CA GLU A 93 22.69 1.25 -34.31
C GLU A 93 23.48 1.20 -33.01
N THR A 94 24.44 2.09 -32.85
CA THR A 94 25.32 2.08 -31.69
C THR A 94 25.54 3.52 -31.24
N ALA A 95 26.21 3.66 -30.09
CA ALA A 95 26.62 4.96 -29.59
C ALA A 95 27.99 5.39 -30.10
N GLU A 96 28.59 4.62 -31.01
CA GLU A 96 29.85 5.02 -31.62
C GLU A 96 29.69 6.40 -32.26
N GLY A 97 30.59 7.32 -31.91
CA GLY A 97 30.53 8.68 -32.39
C GLY A 97 29.47 9.54 -31.74
N LEU A 98 28.49 8.95 -31.06
CA LEU A 98 27.44 9.74 -30.42
C LEU A 98 27.97 10.45 -29.18
N ASP A 99 27.72 11.74 -29.09
CA ASP A 99 28.12 12.53 -27.93
C ASP A 99 27.07 12.32 -26.85
N CYS A 100 27.34 11.40 -25.92
CA CYS A 100 26.34 11.04 -24.92
C CYS A 100 26.12 12.16 -23.92
N VAL A 101 27.19 12.81 -23.47
CA VAL A 101 27.05 13.94 -22.55
C VAL A 101 26.11 14.99 -23.14
N ARG A 102 26.40 15.43 -24.36
CA ARG A 102 25.58 16.45 -25.00
C ARG A 102 24.14 15.98 -25.15
N THR A 103 23.94 14.71 -25.50
CA THR A 103 22.59 14.18 -25.63
C THR A 103 21.89 14.13 -24.27
N ILE A 104 22.58 13.68 -23.23
CA ILE A 104 22.01 13.64 -21.90
C ILE A 104 21.64 15.04 -21.43
N GLU A 105 22.52 16.01 -21.67
CA GLU A 105 22.24 17.38 -21.26
C GLU A 105 21.01 17.93 -21.99
N GLU A 106 20.94 17.72 -23.31
CA GLU A 106 19.79 18.19 -24.07
C GLU A 106 18.52 17.45 -23.64
N LEU A 107 18.64 16.15 -23.36
CA LEU A 107 17.49 15.39 -22.89
C LEU A 107 16.96 15.98 -21.57
N ALA A 108 17.87 16.36 -20.67
CA ALA A 108 17.45 16.93 -19.40
C ALA A 108 16.61 18.18 -19.61
N ARG A 109 17.01 19.06 -20.53
CA ARG A 109 16.25 20.28 -20.76
C ARG A 109 14.90 19.98 -21.39
N VAL A 110 14.82 18.92 -22.20
CA VAL A 110 13.54 18.54 -22.81
C VAL A 110 12.56 18.07 -21.73
N LEU A 111 13.06 17.32 -20.76
CA LEU A 111 12.18 16.74 -19.73
C LEU A 111 11.72 17.77 -18.72
N ARG A 112 12.43 18.87 -18.53
CA ARG A 112 11.98 19.91 -17.61
C ARG A 112 10.68 20.55 -18.05
N LYS A 113 10.27 20.34 -19.30
CA LYS A 113 8.98 20.82 -19.79
C LYS A 113 7.86 19.81 -19.56
N HIS A 114 8.12 18.77 -18.78
CA HIS A 114 7.14 17.72 -18.49
C HIS A 114 6.49 18.04 -17.14
N SER A 115 5.17 18.25 -17.14
CA SER A 115 4.48 18.71 -15.94
C SER A 115 4.48 17.67 -14.82
N GLY A 116 4.64 16.39 -15.15
CA GLY A 116 4.58 15.34 -14.17
C GLY A 116 5.91 14.95 -13.55
N LEU A 117 7.00 15.63 -13.89
CA LEU A 117 8.33 15.27 -13.42
C LEU A 117 8.91 16.40 -12.58
N ARG A 118 9.77 16.03 -11.62
CA ARG A 118 10.40 16.98 -10.73
C ARG A 118 11.86 16.61 -10.53
N ASN A 119 12.68 17.61 -10.20
CA ASN A 119 14.09 17.43 -9.90
C ASN A 119 14.82 16.72 -11.05
N ILE A 120 14.77 17.36 -12.23
CA ILE A 120 15.52 16.85 -13.37
C ILE A 120 17.01 17.08 -13.11
N LEU A 121 17.81 16.04 -13.30
CA LEU A 121 19.22 16.11 -12.93
C LEU A 121 20.09 15.35 -13.93
N PRO A 122 20.84 16.04 -14.79
CA PRO A 122 21.78 15.35 -15.67
C PRO A 122 23.10 15.09 -14.94
N ILE A 123 23.55 13.84 -14.96
CA ILE A 123 24.77 13.42 -14.28
C ILE A 123 25.71 12.85 -15.33
N THR A 124 26.85 13.52 -15.52
CA THR A 124 27.89 13.06 -16.44
C THR A 124 29.15 12.63 -15.69
N THR A 125 29.11 12.61 -14.36
CA THR A 125 30.27 12.18 -13.57
C THR A 125 30.62 10.72 -13.86
N ALA A 126 29.67 9.83 -13.60
CA ALA A 126 29.95 8.39 -13.59
C ALA A 126 30.45 7.88 -14.93
N LYS A 127 30.75 6.59 -14.99
CA LYS A 127 31.17 5.97 -16.24
C LYS A 127 30.14 6.21 -17.33
N VAL A 128 28.88 5.99 -17.01
CA VAL A 128 27.76 6.10 -17.96
C VAL A 128 26.95 7.32 -17.56
N PRO A 129 26.82 8.34 -18.42
CA PRO A 129 25.98 9.48 -18.07
C PRO A 129 24.50 9.12 -18.11
N ILE A 130 23.73 9.71 -17.20
CA ILE A 130 22.31 9.42 -17.06
C ILE A 130 21.55 10.73 -16.81
N VAL A 131 20.25 10.68 -17.04
CA VAL A 131 19.32 11.70 -16.58
C VAL A 131 18.51 11.11 -15.45
N LYS A 132 18.45 11.82 -14.33
CA LYS A 132 17.70 11.40 -13.15
C LYS A 132 16.54 12.33 -12.90
N PHE A 133 15.39 11.78 -12.54
CA PHE A 133 14.24 12.61 -12.20
C PHE A 133 13.23 11.80 -11.41
N PHE A 134 12.33 12.52 -10.74
CA PHE A 134 11.29 11.94 -9.91
C PHE A 134 9.95 12.03 -10.64
N HIS A 135 9.18 10.96 -10.58
CA HIS A 135 7.91 10.84 -11.29
C HIS A 135 6.78 10.91 -10.27
N LEU A 136 5.94 11.94 -10.38
CA LEU A 136 4.92 12.20 -9.36
C LEU A 136 3.76 11.23 -9.45
N ARG A 137 3.28 10.93 -10.66
CA ARG A 137 2.13 10.05 -10.80
C ARG A 137 2.35 8.70 -10.12
N SER A 138 3.59 8.31 -9.86
CA SER A 138 3.87 7.00 -9.27
C SER A 138 4.88 7.03 -8.13
N GLY A 139 5.49 8.18 -7.82
CA GLY A 139 6.43 8.24 -6.72
C GLY A 139 7.71 7.46 -6.92
N LEU A 140 8.15 7.30 -8.16
CA LEU A 140 9.36 6.55 -8.48
C LEU A 140 10.43 7.48 -9.01
N GLU A 141 11.67 7.22 -8.62
CA GLU A 141 12.82 7.82 -9.28
C GLU A 141 13.10 7.09 -10.59
N VAL A 142 13.44 7.84 -11.63
CA VAL A 142 13.68 7.29 -12.95
C VAL A 142 15.09 7.67 -13.39
N ASP A 143 15.79 6.71 -13.97
CA ASP A 143 17.12 6.92 -14.53
C ASP A 143 17.10 6.52 -15.99
N ILE A 144 17.40 7.47 -16.88
CA ILE A 144 17.49 7.22 -18.31
C ILE A 144 18.96 7.28 -18.71
N SER A 145 19.43 6.23 -19.38
CA SER A 145 20.80 6.18 -19.90
C SER A 145 20.75 5.80 -21.37
N LEU A 146 21.83 6.13 -22.07
CA LEU A 146 21.91 5.92 -23.52
C LEU A 146 22.67 4.64 -23.82
N TYR A 147 22.01 3.71 -24.52
CA TYR A 147 22.66 2.54 -25.08
C TYR A 147 23.41 1.74 -24.02
N ASN A 148 22.70 1.39 -22.94
CA ASN A 148 23.29 0.63 -21.84
C ASN A 148 22.98 -0.87 -22.03
N THR A 149 23.68 -1.46 -23.00
CA THR A 149 23.36 -2.83 -23.42
C THR A 149 23.93 -3.86 -22.45
N LEU A 150 25.11 -3.61 -21.88
CA LEU A 150 25.65 -4.53 -20.88
C LEU A 150 24.72 -4.64 -19.69
N ALA A 151 24.01 -3.56 -19.36
CA ALA A 151 23.01 -3.64 -18.30
C ALA A 151 21.84 -4.52 -18.72
N LEU A 152 21.37 -4.37 -19.96
CA LEU A 152 20.28 -5.21 -20.45
C LEU A 152 20.67 -6.67 -20.56
N HIS A 153 21.98 -6.97 -20.57
CA HIS A 153 22.41 -8.37 -20.61
C HIS A 153 22.45 -8.97 -19.21
N ASN A 154 22.90 -8.22 -18.21
CA ASN A 154 22.77 -8.68 -16.83
C ASN A 154 21.30 -8.96 -16.51
N THR A 155 20.40 -8.13 -17.03
CA THR A 155 18.97 -8.33 -16.79
C THR A 155 18.49 -9.63 -17.41
N ARG A 156 18.80 -9.85 -18.70
CA ARG A 156 18.37 -11.06 -19.38
C ARG A 156 18.97 -12.30 -18.74
N LEU A 157 20.19 -12.19 -18.19
CA LEU A 157 20.82 -13.33 -17.54
C LEU A 157 20.13 -13.66 -16.22
N LEU A 158 19.97 -12.66 -15.35
CA LEU A 158 19.29 -12.88 -14.08
C LEU A 158 17.84 -13.29 -14.29
N SER A 159 17.17 -12.68 -15.27
CA SER A 159 15.80 -13.07 -15.57
C SER A 159 15.70 -14.53 -15.95
N ALA A 160 16.73 -15.07 -16.61
CA ALA A 160 16.73 -16.48 -16.99
C ALA A 160 16.90 -17.39 -15.78
N TYR A 161 17.80 -17.02 -14.86
CA TYR A 161 18.00 -17.83 -13.66
C TYR A 161 16.76 -17.84 -12.79
N SER A 162 16.05 -16.71 -12.71
CA SER A 162 14.87 -16.63 -11.84
C SER A 162 13.77 -17.57 -12.31
N ALA A 163 13.72 -17.86 -13.61
CA ALA A 163 12.67 -18.71 -14.16
C ALA A 163 13.02 -20.19 -14.14
N ILE A 164 14.26 -20.55 -13.78
CA ILE A 164 14.65 -21.96 -13.76
C ILE A 164 14.01 -22.67 -12.58
N ASP A 165 14.03 -22.04 -11.40
CA ASP A 165 13.51 -22.66 -10.20
C ASP A 165 12.92 -21.58 -9.30
N PRO A 166 11.71 -21.77 -8.77
CA PRO A 166 11.15 -20.73 -7.89
C PRO A 166 12.04 -20.41 -6.69
N ARG A 167 12.85 -21.37 -6.24
CA ARG A 167 13.72 -21.13 -5.09
C ARG A 167 14.76 -20.06 -5.38
N VAL A 168 15.08 -19.82 -6.64
CA VAL A 168 15.99 -18.72 -6.99
C VAL A 168 15.40 -17.39 -6.53
N LYS A 169 14.16 -17.12 -6.94
CA LYS A 169 13.52 -15.84 -6.59
C LYS A 169 13.29 -15.73 -5.09
N TYR A 170 12.82 -16.82 -4.46
CA TYR A 170 12.63 -16.80 -3.01
C TYR A 170 13.91 -16.38 -2.30
N LEU A 171 15.04 -16.94 -2.72
CA LEU A 171 16.30 -16.67 -2.02
C LEU A 171 16.83 -15.28 -2.32
N CYS A 172 16.78 -14.86 -3.59
CA CYS A 172 17.26 -13.53 -3.93
C CYS A 172 16.47 -12.45 -3.20
N TYR A 173 15.17 -12.65 -3.05
CA TYR A 173 14.36 -11.69 -2.29
C TYR A 173 14.68 -11.76 -0.81
N THR A 174 14.87 -12.97 -0.27
CA THR A 174 15.30 -13.09 1.12
C THR A 174 16.62 -12.37 1.35
N MET A 175 17.60 -12.62 0.48
CA MET A 175 18.87 -11.91 0.56
C MET A 175 18.66 -10.41 0.49
N LYS A 176 17.76 -9.97 -0.40
CA LYS A 176 17.53 -8.54 -0.57
C LYS A 176 16.93 -7.92 0.69
N VAL A 177 16.00 -8.62 1.34
CA VAL A 177 15.45 -8.13 2.60
C VAL A 177 16.53 -8.11 3.68
N PHE A 178 17.31 -9.19 3.77
CA PHE A 178 18.34 -9.28 4.79
C PHE A 178 19.33 -8.12 4.69
N THR A 179 19.87 -7.89 3.49
CA THR A 179 20.87 -6.84 3.33
C THR A 179 20.25 -5.47 3.50
N LYS A 180 19.02 -5.27 3.00
CA LYS A 180 18.36 -3.98 3.17
C LYS A 180 18.10 -3.68 4.64
N MET A 181 17.77 -4.71 5.43
CA MET A 181 17.49 -4.53 6.85
C MET A 181 18.76 -4.35 7.67
N CYS A 182 19.89 -4.86 7.20
CA CYS A 182 21.17 -4.64 7.86
C CYS A 182 21.85 -3.35 7.42
N ASP A 183 21.29 -2.65 6.43
CA ASP A 183 21.84 -1.38 5.96
C ASP A 183 23.19 -1.59 5.28
N ILE A 184 23.30 -2.66 4.48
CA ILE A 184 24.55 -3.00 3.82
C ILE A 184 24.31 -3.26 2.34
N GLY A 185 23.19 -2.75 1.81
CA GLY A 185 22.80 -3.07 0.45
C GLY A 185 22.64 -1.87 -0.46
N ASP A 186 23.39 -0.80 -0.19
CA ASP A 186 23.38 0.40 -1.02
C ASP A 186 24.81 0.76 -1.39
N ALA A 187 25.18 0.56 -2.66
CA ALA A 187 26.55 0.82 -3.09
C ALA A 187 26.89 2.30 -3.02
N SER A 188 25.92 3.18 -3.25
CA SER A 188 26.19 4.61 -3.23
C SER A 188 26.58 5.13 -1.85
N ARG A 189 26.47 4.30 -0.80
CA ARG A 189 26.82 4.72 0.55
C ARG A 189 27.95 3.89 1.15
N GLY A 190 28.68 3.15 0.31
CA GLY A 190 29.88 2.46 0.74
C GLY A 190 29.76 0.95 0.79
N SER A 191 28.56 0.38 0.73
CA SER A 191 28.37 -1.05 0.85
C SER A 191 28.25 -1.66 -0.56
N LEU A 192 27.60 -2.81 -0.65
CA LEU A 192 27.49 -3.55 -1.91
C LEU A 192 26.11 -3.36 -2.52
N SER A 193 26.05 -3.47 -3.85
CA SER A 193 24.81 -3.28 -4.57
C SER A 193 23.92 -4.52 -4.49
N SER A 194 22.64 -4.33 -4.79
CA SER A 194 21.72 -5.45 -4.88
C SER A 194 22.22 -6.49 -5.87
N TYR A 195 22.77 -6.05 -7.00
CA TYR A 195 23.27 -6.96 -8.00
C TYR A 195 24.36 -7.87 -7.43
N ALA A 196 25.26 -7.30 -6.64
CA ALA A 196 26.35 -8.09 -6.05
C ALA A 196 25.78 -9.21 -5.17
N TYR A 197 24.89 -8.86 -4.23
CA TYR A 197 24.34 -9.88 -3.34
C TYR A 197 23.55 -10.92 -4.10
N THR A 198 22.93 -10.55 -5.22
CA THR A 198 22.25 -11.55 -6.04
C THR A 198 23.25 -12.53 -6.65
N LEU A 199 24.39 -12.03 -7.14
CA LEU A 199 25.40 -12.92 -7.69
C LEU A 199 25.91 -13.89 -6.63
N MET A 200 26.03 -13.42 -5.39
CA MET A 200 26.41 -14.31 -4.30
C MET A 200 25.40 -15.42 -4.10
N VAL A 201 24.11 -15.12 -4.31
CA VAL A 201 23.07 -16.13 -4.21
C VAL A 201 23.24 -17.16 -5.33
N LEU A 202 23.20 -16.70 -6.59
CA LEU A 202 23.31 -17.60 -7.72
C LEU A 202 24.58 -18.44 -7.64
N TYR A 203 25.72 -17.79 -7.34
CA TYR A 203 26.97 -18.53 -7.22
C TYR A 203 26.87 -19.63 -6.18
N PHE A 204 26.26 -19.34 -5.04
CA PHE A 204 26.07 -20.36 -4.01
C PHE A 204 25.21 -21.51 -4.53
N LEU A 205 24.23 -21.20 -5.37
CA LEU A 205 23.36 -22.24 -5.90
C LEU A 205 24.04 -23.07 -6.97
N GLN A 206 24.96 -22.46 -7.72
CA GLN A 206 25.76 -23.21 -8.68
C GLN A 206 26.76 -24.14 -7.99
N GLN A 207 27.29 -23.71 -6.85
CA GLN A 207 28.27 -24.48 -6.11
C GLN A 207 27.65 -25.48 -5.14
N ARG A 208 26.36 -25.35 -4.85
CA ARG A 208 25.71 -26.30 -3.96
C ARG A 208 25.76 -27.70 -4.54
N ASN A 209 25.87 -28.69 -3.67
CA ASN A 209 25.92 -30.09 -4.07
C ASN A 209 24.70 -30.83 -3.53
N PRO A 210 23.77 -31.25 -4.43
CA PRO A 210 23.76 -31.06 -5.89
C PRO A 210 23.40 -29.64 -6.30
N PRO A 211 23.76 -29.25 -7.52
CA PRO A 211 23.48 -27.88 -7.97
C PRO A 211 21.99 -27.60 -8.03
N VAL A 212 21.62 -26.36 -7.70
CA VAL A 212 20.25 -25.90 -7.89
C VAL A 212 20.07 -25.23 -9.25
N ILE A 213 21.11 -24.58 -9.75
CA ILE A 213 21.08 -23.97 -11.08
C ILE A 213 22.39 -24.25 -11.78
N PRO A 214 22.34 -24.36 -13.11
CA PRO A 214 23.58 -24.56 -13.88
C PRO A 214 24.34 -23.27 -14.03
N VAL A 215 25.31 -23.24 -14.94
CA VAL A 215 25.94 -22.01 -15.38
C VAL A 215 25.49 -21.78 -16.81
N LEU A 216 24.47 -20.94 -17.01
CA LEU A 216 23.90 -20.75 -18.33
C LEU A 216 24.93 -20.29 -19.36
N GLN A 217 26.08 -19.79 -18.91
CA GLN A 217 27.12 -19.33 -19.83
C GLN A 217 28.01 -20.48 -20.31
N GLU A 218 27.60 -21.73 -20.09
CA GLU A 218 28.32 -22.89 -20.61
C GLU A 218 27.41 -23.87 -21.34
N ILE A 219 26.15 -23.49 -21.59
CA ILE A 219 25.23 -24.35 -22.32
C ILE A 219 24.55 -23.54 -23.42
N CYS A 251 19.31 -31.39 -13.27
CA CYS A 251 18.06 -30.71 -13.60
C CYS A 251 17.03 -30.95 -12.49
N GLY A 252 16.84 -29.93 -11.64
CA GLY A 252 15.94 -30.08 -10.52
C GLY A 252 16.32 -31.22 -9.58
N LYS A 253 17.61 -31.55 -9.51
CA LYS A 253 18.07 -32.66 -8.68
C LYS A 253 18.19 -32.27 -7.21
N ASN A 254 18.32 -30.98 -6.91
CA ASN A 254 18.40 -30.53 -5.52
C ASN A 254 16.99 -30.39 -4.96
N THR A 255 16.71 -31.10 -3.88
CA THR A 255 15.38 -31.16 -3.29
C THR A 255 15.29 -30.47 -1.94
N GLU A 256 16.29 -29.65 -1.60
CA GLU A 256 16.27 -28.95 -0.32
C GLU A 256 15.25 -27.83 -0.34
N SER A 257 14.59 -27.62 0.79
CA SER A 257 13.63 -26.53 0.90
C SER A 257 14.35 -25.18 0.86
N VAL A 258 13.56 -24.12 0.67
CA VAL A 258 14.13 -22.77 0.62
C VAL A 258 14.74 -22.41 1.97
N GLY A 259 14.13 -22.85 3.06
CA GLY A 259 14.70 -22.59 4.38
C GLY A 259 16.07 -23.21 4.53
N GLN A 260 16.20 -24.49 4.16
CA GLN A 260 17.50 -25.14 4.20
C GLN A 260 18.53 -24.36 3.37
N LEU A 261 18.14 -23.94 2.17
CA LEU A 261 19.08 -23.24 1.29
C LEU A 261 19.47 -21.89 1.86
N TRP A 262 18.51 -21.16 2.43
CA TRP A 262 18.82 -19.84 2.99
C TRP A 262 19.87 -19.96 4.08
N LEU A 263 19.60 -20.77 5.11
CA LEU A 263 20.60 -21.00 6.14
C LEU A 263 21.87 -21.59 5.56
N GLY A 264 21.72 -22.46 4.55
CA GLY A 264 22.90 -22.98 3.87
C GLY A 264 23.81 -21.89 3.32
N LEU A 265 23.22 -20.85 2.75
CA LEU A 265 24.01 -19.73 2.27
C LEU A 265 24.67 -18.98 3.41
N LEU A 266 23.96 -18.80 4.53
CA LEU A 266 24.52 -18.10 5.68
C LEU A 266 25.69 -18.88 6.27
N ARG A 267 25.58 -20.21 6.30
CA ARG A 267 26.71 -21.04 6.75
C ARG A 267 27.80 -21.13 5.69
N PHE A 268 27.42 -21.03 4.42
CA PHE A 268 28.40 -21.14 3.34
C PHE A 268 29.37 -19.97 3.35
N TYR A 269 28.83 -18.74 3.45
CA TYR A 269 29.67 -17.54 3.39
C TYR A 269 30.24 -17.14 4.75
N THR A 270 29.88 -17.85 5.82
CA THR A 270 30.42 -17.57 7.14
C THR A 270 31.44 -18.59 7.63
N GLU A 271 31.44 -19.80 7.06
CA GLU A 271 32.26 -20.89 7.56
C GLU A 271 33.29 -21.40 6.56
N GLU A 272 32.91 -21.53 5.28
CA GLU A 272 33.76 -22.19 4.30
C GLU A 272 34.48 -21.24 3.36
N PHE A 273 33.74 -20.33 2.70
CA PHE A 273 34.28 -19.63 1.54
C PHE A 273 35.52 -18.82 1.90
N ASP A 274 36.59 -19.03 1.14
CA ASP A 274 37.82 -18.26 1.28
C ASP A 274 37.69 -17.01 0.41
N PHE A 275 37.49 -15.86 1.06
CA PHE A 275 37.13 -14.64 0.34
C PHE A 275 38.28 -14.04 -0.46
N LYS A 276 39.52 -14.51 -0.30
CA LYS A 276 40.63 -13.93 -1.02
C LYS A 276 41.54 -14.97 -1.67
N GLU A 277 41.10 -16.23 -1.76
CA GLU A 277 41.71 -17.19 -2.66
C GLU A 277 40.76 -17.65 -3.74
N HIS A 278 39.46 -17.34 -3.62
CA HIS A 278 38.47 -17.67 -4.64
C HIS A 278 37.69 -16.41 -4.99
N VAL A 279 37.26 -16.34 -6.25
CA VAL A 279 36.48 -15.22 -6.77
C VAL A 279 35.06 -15.70 -6.96
N ILE A 280 34.10 -14.94 -6.43
CA ILE A 280 32.69 -15.23 -6.64
C ILE A 280 32.37 -14.95 -8.10
N SER A 281 32.28 -15.99 -8.91
CA SER A 281 32.06 -15.88 -10.35
C SER A 281 30.99 -16.88 -10.75
N ILE A 282 29.80 -16.38 -11.10
CA ILE A 282 28.77 -17.25 -11.69
C ILE A 282 29.07 -17.58 -13.13
N ARG A 283 30.20 -17.09 -13.67
CA ARG A 283 30.48 -17.25 -15.09
C ARG A 283 30.66 -18.72 -15.47
N ARG A 284 31.28 -19.51 -14.59
CA ARG A 284 31.57 -20.90 -14.90
C ARG A 284 31.74 -21.69 -13.61
N LYS A 285 31.59 -23.01 -13.73
CA LYS A 285 31.56 -23.89 -12.57
C LYS A 285 32.92 -23.93 -11.86
N SER A 286 33.99 -24.07 -12.64
CA SER A 286 35.32 -24.18 -12.05
C SER A 286 35.62 -22.99 -11.14
N LEU A 287 36.28 -23.26 -10.02
CA LEU A 287 36.61 -22.23 -9.06
C LEU A 287 37.72 -21.33 -9.61
N LEU A 288 37.52 -20.02 -9.49
CA LEU A 288 38.46 -19.04 -10.02
C LEU A 288 39.30 -18.48 -8.87
N THR A 289 40.60 -18.39 -9.09
CA THR A 289 41.52 -17.83 -8.11
C THR A 289 41.73 -16.34 -8.35
N THR A 290 42.19 -15.66 -7.31
CA THR A 290 42.43 -14.22 -7.39
C THR A 290 43.54 -13.92 -8.39
N ILE A 300 36.46 -9.12 -0.23
CA ILE A 300 35.42 -9.71 -1.05
C ILE A 300 35.64 -9.33 -2.51
N VAL A 301 35.59 -10.31 -3.40
CA VAL A 301 35.75 -10.09 -4.83
C VAL A 301 34.58 -10.77 -5.54
N ILE A 302 33.84 -10.02 -6.34
CA ILE A 302 32.70 -10.52 -7.10
C ILE A 302 32.89 -10.08 -8.54
N GLU A 303 32.92 -11.05 -9.46
CA GLU A 303 33.19 -10.77 -10.86
C GLU A 303 31.89 -10.57 -11.62
N ASP A 304 31.82 -9.51 -12.41
CA ASP A 304 30.66 -9.27 -13.25
C ASP A 304 30.65 -10.30 -14.37
N PRO A 305 29.52 -10.97 -14.64
CA PRO A 305 29.53 -12.07 -15.61
C PRO A 305 29.87 -11.65 -17.03
N PHE A 306 29.81 -10.37 -17.36
CA PHE A 306 30.10 -9.90 -18.72
C PHE A 306 31.30 -8.98 -18.78
N ASP A 307 31.37 -7.96 -17.90
CA ASP A 307 32.55 -7.12 -17.82
C ASP A 307 33.52 -7.79 -16.85
N LEU A 308 34.43 -8.59 -17.40
CA LEU A 308 35.30 -9.43 -16.58
C LEU A 308 36.34 -8.64 -15.82
N ASN A 309 36.52 -7.35 -16.13
CA ASN A 309 37.38 -6.47 -15.35
C ASN A 309 36.62 -5.70 -14.27
N HIS A 310 35.34 -5.97 -14.09
CA HIS A 310 34.49 -5.24 -13.14
C HIS A 310 34.34 -6.09 -11.88
N ASN A 311 35.02 -5.68 -10.81
CA ASN A 311 34.88 -6.31 -9.50
C ASN A 311 33.83 -5.53 -8.70
N LEU A 312 32.69 -6.17 -8.43
CA LEU A 312 31.60 -5.49 -7.74
C LEU A 312 31.94 -5.15 -6.30
N GLY A 313 32.97 -5.77 -5.73
CA GLY A 313 33.39 -5.45 -4.38
C GLY A 313 34.66 -4.61 -4.36
N ALA A 314 34.93 -3.92 -5.46
CA ALA A 314 36.17 -3.15 -5.59
C ALA A 314 36.21 -2.00 -4.59
N GLY A 315 35.09 -1.31 -4.40
CA GLY A 315 35.07 -0.13 -3.56
C GLY A 315 34.68 -0.39 -2.13
N LEU A 316 35.03 -1.57 -1.60
CA LEU A 316 34.69 -1.93 -0.23
C LEU A 316 35.81 -1.54 0.73
N SER A 317 35.43 -0.83 1.79
CA SER A 317 36.35 -0.57 2.90
C SER A 317 36.52 -1.86 3.69
N ARG A 318 37.27 -1.80 4.79
CA ARG A 318 37.49 -2.96 5.65
C ARG A 318 36.63 -2.97 6.91
N LYS A 319 36.25 -1.81 7.46
CA LYS A 319 35.27 -1.83 8.54
C LYS A 319 33.85 -2.02 8.01
N MET A 320 33.63 -1.83 6.70
CA MET A 320 32.39 -2.27 6.09
C MET A 320 32.43 -3.77 5.78
N THR A 321 33.55 -4.24 5.23
CA THR A 321 33.71 -5.68 5.02
C THR A 321 33.52 -6.45 6.32
N ASN A 322 34.10 -5.94 7.41
CA ASN A 322 33.90 -6.56 8.71
C ASN A 322 32.47 -6.40 9.19
N PHE A 323 31.85 -5.25 8.90
CA PHE A 323 30.46 -5.03 9.29
C PHE A 323 29.53 -5.97 8.54
N ILE A 324 29.79 -6.17 7.25
CA ILE A 324 28.97 -7.09 6.46
C ILE A 324 29.07 -8.50 7.02
N MET A 325 30.29 -9.02 7.11
CA MET A 325 30.49 -10.36 7.66
C MET A 325 29.84 -10.50 9.02
N LYS A 326 29.89 -9.45 9.84
CA LYS A 326 29.29 -9.52 11.17
C LYS A 326 27.78 -9.69 11.09
N ALA A 327 27.14 -9.06 10.10
CA ALA A 327 25.70 -9.20 9.95
C ALA A 327 25.33 -10.63 9.55
N PHE A 328 26.13 -11.25 8.70
CA PHE A 328 25.84 -12.62 8.26
C PHE A 328 25.97 -13.60 9.42
N ILE A 329 26.95 -13.39 10.29
CA ILE A 329 27.13 -14.29 11.43
C ILE A 329 25.94 -14.20 12.37
N ASN A 330 25.37 -13.01 12.53
CA ASN A 330 24.16 -12.86 13.32
C ASN A 330 22.97 -13.52 12.66
N GLY A 331 22.80 -13.28 11.34
CA GLY A 331 21.76 -13.98 10.62
C GLY A 331 21.90 -15.49 10.73
N ARG A 332 23.14 -15.98 10.67
CA ARG A 332 23.38 -17.41 10.90
C ARG A 332 22.84 -17.84 12.25
N ARG A 333 22.95 -16.98 13.26
CA ARG A 333 22.45 -17.31 14.60
C ARG A 333 20.93 -17.27 14.64
N VAL A 334 20.34 -16.18 14.16
CA VAL A 334 18.89 -15.98 14.28
C VAL A 334 18.16 -17.04 13.47
N PHE A 335 18.60 -17.27 12.23
CA PHE A 335 17.92 -18.23 11.35
C PHE A 335 18.30 -19.67 11.63
N GLY A 336 19.33 -19.92 12.44
CA GLY A 336 19.81 -21.28 12.65
C GLY A 336 19.56 -21.82 14.04
N ILE A 337 19.16 -20.96 14.97
CA ILE A 337 18.90 -21.39 16.34
C ILE A 337 17.44 -21.10 16.68
N PRO A 338 16.59 -22.14 16.86
CA PRO A 338 15.21 -21.93 17.30
C PRO A 338 15.11 -21.15 18.61
N GLY A 341 9.92 -19.27 23.17
CA GLY A 341 8.70 -18.48 23.12
C GLY A 341 8.16 -18.32 21.71
N PHE A 342 9.03 -18.53 20.73
CA PHE A 342 8.69 -18.48 19.32
C PHE A 342 7.94 -19.78 18.98
N PRO A 343 6.79 -19.71 18.30
CA PRO A 343 5.95 -18.64 17.72
C PRO A 343 4.84 -18.02 18.59
N LYS A 344 4.78 -18.33 19.88
CA LYS A 344 3.60 -18.01 20.67
C LYS A 344 3.63 -16.64 21.35
N ASP A 345 4.72 -15.88 21.22
CA ASP A 345 4.74 -14.53 21.77
C ASP A 345 5.44 -13.55 20.83
N TYR A 346 5.40 -13.80 19.53
CA TYR A 346 5.90 -12.87 18.53
C TYR A 346 4.82 -12.65 17.49
N PRO A 347 4.19 -11.47 17.44
CA PRO A 347 3.08 -11.27 16.50
C PRO A 347 3.49 -11.31 15.04
N SER A 348 4.72 -10.93 14.72
CA SER A 348 5.21 -10.93 13.34
C SER A 348 6.53 -11.66 13.26
N LYS A 349 6.61 -12.66 12.39
CA LYS A 349 7.86 -13.38 12.21
C LYS A 349 8.88 -12.55 11.46
N MET A 350 8.42 -11.71 10.52
CA MET A 350 9.34 -10.82 9.82
C MET A 350 10.13 -9.95 10.78
N GLU A 351 9.44 -9.39 11.78
CA GLU A 351 10.09 -8.49 12.73
C GLU A 351 11.04 -9.23 13.66
N TYR A 352 10.87 -10.54 13.84
CA TYR A 352 11.79 -11.30 14.67
C TYR A 352 13.08 -11.63 13.90
N PHE A 353 12.95 -12.18 12.70
CA PHE A 353 14.12 -12.60 11.95
C PHE A 353 14.90 -11.39 11.42
N PHE A 354 14.17 -10.35 10.99
CA PHE A 354 14.83 -9.18 10.40
C PHE A 354 14.79 -8.00 11.36
N ASP A 355 15.20 -8.26 12.61
CA ASP A 355 15.31 -7.20 13.61
C ASP A 355 16.67 -6.51 13.46
N PRO A 356 16.71 -5.24 13.06
CA PRO A 356 18.01 -4.59 12.86
C PRO A 356 18.86 -4.55 14.11
N ASP A 357 18.24 -4.39 15.30
CA ASP A 357 19.00 -4.33 16.54
C ASP A 357 19.61 -5.67 16.91
N VAL A 358 19.20 -6.76 16.28
CA VAL A 358 19.79 -8.07 16.51
C VAL A 358 20.81 -8.42 15.42
N LEU A 359 20.48 -8.11 14.17
CA LEU A 359 21.36 -8.49 13.06
C LEU A 359 22.62 -7.64 13.03
N THR A 360 22.53 -6.37 13.42
CA THR A 360 23.69 -5.48 13.45
C THR A 360 24.02 -4.97 14.84
N GLU A 361 23.28 -5.40 15.87
CA GLU A 361 23.55 -5.01 17.25
C GLU A 361 23.43 -3.51 17.44
N GLY A 362 22.32 -2.95 16.95
CA GLY A 362 22.03 -1.55 17.16
C GLY A 362 23.07 -0.58 16.65
N GLU A 363 23.87 -0.99 15.67
CA GLU A 363 24.92 -0.15 15.11
C GLU A 363 24.59 0.25 13.69
N LEU A 364 24.97 1.46 13.32
CA LEU A 364 24.79 1.97 11.97
C LEU A 364 25.88 1.43 11.05
N ALA A 365 25.58 1.44 9.75
CA ALA A 365 26.59 1.09 8.77
C ALA A 365 27.69 2.14 8.74
N PRO A 366 28.96 1.74 8.68
CA PRO A 366 30.03 2.74 8.63
C PRO A 366 29.90 3.61 7.39
N ASN A 367 30.22 4.89 7.54
CA ASN A 367 30.10 5.86 6.46
C ASN A 367 31.23 6.89 6.56
N ASP A 368 32.46 6.39 6.73
CA ASP A 368 33.61 7.29 6.78
C ASP A 368 33.91 7.90 5.42
N ARG A 369 33.71 7.15 4.34
CA ARG A 369 33.87 7.69 2.99
C ARG A 369 32.88 8.80 2.69
N CYS A 370 31.75 8.81 3.38
CA CYS A 370 30.57 9.49 2.88
C CYS A 370 30.51 10.96 3.31
N CYS A 371 29.99 11.78 2.42
CA CYS A 371 29.64 13.16 2.74
C CYS A 371 28.83 13.21 4.02
N ARG A 372 29.31 13.97 5.01
CA ARG A 372 28.59 14.06 6.28
C ARG A 372 27.27 14.80 6.17
N ILE A 373 26.92 15.30 4.98
CA ILE A 373 25.64 15.99 4.77
C ILE A 373 24.67 15.09 4.02
N CYS A 374 25.09 14.53 2.88
CA CYS A 374 24.23 13.63 2.12
C CYS A 374 24.37 12.18 2.55
N GLY A 375 25.56 11.76 2.96
CA GLY A 375 25.80 10.38 3.31
C GLY A 375 26.10 9.47 2.14
N LYS A 376 26.37 10.03 0.97
CA LYS A 376 26.70 9.25 -0.23
C LYS A 376 28.17 9.43 -0.57
N ILE A 377 28.75 8.39 -1.17
CA ILE A 377 30.13 8.47 -1.64
C ILE A 377 30.17 9.11 -3.02
N GLY A 378 31.35 9.57 -3.40
CA GLY A 378 31.58 10.11 -4.73
C GLY A 378 31.96 11.58 -4.79
N HIS A 379 31.83 12.32 -3.68
CA HIS A 379 32.18 13.74 -3.69
C HIS A 379 32.54 14.17 -2.29
N PHE A 380 33.37 15.21 -2.21
CA PHE A 380 33.72 15.80 -0.92
C PHE A 380 32.54 16.62 -0.40
N MET A 381 32.73 17.24 0.76
CA MET A 381 31.66 18.01 1.40
C MET A 381 31.42 19.36 0.75
N LYS A 382 32.24 19.77 -0.23
CA LYS A 382 32.09 21.09 -0.81
C LYS A 382 31.19 21.11 -2.04
N ASP A 383 31.15 20.02 -2.82
CA ASP A 383 30.40 19.99 -4.07
C ASP A 383 29.09 19.22 -3.96
N CYS A 384 28.46 19.21 -2.77
CA CYS A 384 27.25 18.42 -2.67
C CYS A 384 26.01 19.25 -2.98
N PRO A 385 24.99 18.66 -3.63
CA PRO A 385 23.69 19.33 -3.79
C PRO A 385 23.12 19.85 -2.47
N ILE B 9 -32.06 2.80 30.76
CA ILE B 9 -32.28 2.63 29.32
C ILE B 9 -31.52 1.40 28.83
N GLN B 10 -32.21 0.54 28.09
CA GLN B 10 -31.69 -0.78 27.73
C GLN B 10 -31.21 -0.77 26.29
N LEU B 11 -29.97 -1.21 26.08
CA LEU B 11 -29.42 -1.38 24.74
C LEU B 11 -29.94 -2.67 24.12
N GLU B 12 -29.66 -2.85 22.83
CA GLU B 12 -30.15 -4.05 22.15
C GLU B 12 -29.47 -5.27 22.75
N PRO B 13 -30.22 -6.31 23.12
CA PRO B 13 -29.59 -7.48 23.73
C PRO B 13 -28.67 -8.20 22.75
N LEU B 14 -27.57 -8.73 23.29
CA LEU B 14 -26.58 -9.42 22.46
C LEU B 14 -26.89 -10.91 22.46
N PRO B 15 -27.08 -11.53 21.31
CA PRO B 15 -27.41 -12.96 21.30
C PRO B 15 -26.18 -13.78 21.61
N PRO B 16 -26.34 -14.99 22.16
CA PRO B 16 -25.19 -15.89 22.29
C PRO B 16 -24.56 -16.12 20.92
N LEU B 17 -23.23 -16.16 20.91
CA LEU B 17 -22.46 -16.21 19.67
C LEU B 17 -21.97 -17.62 19.38
N THR B 18 -21.93 -17.95 18.08
CA THR B 18 -21.38 -19.24 17.65
C THR B 18 -19.85 -19.18 17.60
N PRO B 19 -19.18 -20.32 17.76
CA PRO B 19 -17.71 -20.30 17.67
C PRO B 19 -17.19 -19.79 16.34
N LYS B 20 -17.92 -19.99 15.24
CA LYS B 20 -17.51 -19.45 13.96
C LYS B 20 -17.49 -17.93 13.98
N PHE B 21 -18.50 -17.31 14.61
CA PHE B 21 -18.53 -15.86 14.67
C PHE B 21 -17.42 -15.34 15.59
N LEU B 22 -17.15 -16.05 16.68
CA LEU B 22 -16.08 -15.65 17.58
C LEU B 22 -14.74 -15.68 16.86
N ASN B 23 -14.49 -16.73 16.07
CA ASN B 23 -13.25 -16.80 15.31
C ASN B 23 -13.16 -15.67 14.29
N ILE B 24 -14.30 -15.32 13.68
CA ILE B 24 -14.31 -14.17 12.76
C ILE B 24 -13.90 -12.90 13.49
N LEU B 25 -14.39 -12.71 14.71
CA LEU B 25 -13.96 -11.55 15.50
C LEU B 25 -12.48 -11.63 15.81
N ASP B 26 -11.97 -12.81 16.11
CA ASP B 26 -10.53 -12.96 16.33
C ASP B 26 -9.73 -12.52 15.11
N GLN B 27 -10.13 -13.00 13.93
CA GLN B 27 -9.37 -12.72 12.71
C GLN B 27 -9.42 -11.25 12.35
N VAL B 28 -10.57 -10.60 12.56
CA VAL B 28 -10.70 -9.18 12.25
C VAL B 28 -9.72 -8.36 13.08
N CYS B 29 -9.66 -8.64 14.38
CA CYS B 29 -8.76 -7.89 15.25
C CYS B 29 -7.30 -8.09 14.85
N ILE B 30 -6.93 -9.34 14.56
CA ILE B 30 -5.55 -9.61 14.13
C ILE B 30 -5.30 -9.00 12.76
N GLN B 31 -6.29 -9.03 11.88
CA GLN B 31 -6.12 -8.46 10.55
C GLN B 31 -5.90 -6.96 10.61
N CYS B 32 -6.53 -6.28 11.58
CA CYS B 32 -6.28 -4.85 11.74
C CYS B 32 -4.80 -4.56 11.96
N TYR B 33 -4.09 -5.47 12.61
CA TYR B 33 -2.65 -5.29 12.83
C TYR B 33 -1.85 -5.64 11.57
N LYS B 34 -2.12 -6.80 10.98
CA LYS B 34 -1.36 -7.23 9.81
C LYS B 34 -1.58 -6.31 8.61
N ASP B 35 -2.81 -5.84 8.41
CA ASP B 35 -3.14 -5.13 7.19
C ASP B 35 -2.64 -3.69 7.18
N PHE B 36 -2.49 -3.07 8.35
CA PHE B 36 -2.23 -1.64 8.42
C PHE B 36 -0.95 -1.26 9.15
N SER B 37 -0.25 -2.22 9.75
CA SER B 37 1.06 -1.88 10.31
C SER B 37 2.11 -1.84 9.20
N PRO B 38 3.12 -0.98 9.34
CA PRO B 38 4.14 -0.89 8.30
C PRO B 38 4.94 -2.17 8.19
N THR B 39 5.43 -2.44 6.98
CA THR B 39 6.34 -3.56 6.80
C THR B 39 7.71 -3.21 7.38
N ILE B 40 8.52 -4.25 7.59
CA ILE B 40 9.86 -4.03 8.12
C ILE B 40 10.67 -3.14 7.17
N ILE B 41 10.45 -3.28 5.86
CA ILE B 41 11.10 -2.41 4.90
C ILE B 41 10.59 -0.98 5.03
N GLU B 42 9.28 -0.81 5.23
CA GLU B 42 8.73 0.53 5.38
C GLU B 42 9.25 1.20 6.64
N ASP B 43 9.39 0.45 7.73
CA ASP B 43 9.97 1.01 8.95
C ASP B 43 11.43 1.39 8.73
N GLN B 44 12.18 0.57 8.00
CA GLN B 44 13.58 0.90 7.72
C GLN B 44 13.70 2.16 6.89
N ALA B 45 12.75 2.41 5.98
CA ALA B 45 12.78 3.64 5.20
C ALA B 45 12.62 4.85 6.10
N ARG B 46 11.78 4.74 7.13
CA ARG B 46 11.60 5.85 8.07
C ARG B 46 12.90 6.15 8.79
N GLU B 47 13.66 5.11 9.14
CA GLU B 47 14.96 5.32 9.78
C GLU B 47 15.92 6.07 8.85
N HIS B 48 15.96 5.69 7.57
CA HIS B 48 16.85 6.37 6.63
C HIS B 48 16.48 7.82 6.44
N ILE B 49 15.19 8.16 6.52
CA ILE B 49 14.79 9.56 6.48
C ILE B 49 15.38 10.30 7.66
N ARG B 50 15.32 9.69 8.85
CA ARG B 50 15.86 10.33 10.05
C ARG B 50 17.34 10.63 9.89
N GLN B 51 18.14 9.65 9.48
CA GLN B 51 19.58 9.85 9.43
C GLN B 51 19.98 10.78 8.30
N ASN B 52 19.26 10.76 7.18
CA ASN B 52 19.55 11.69 6.10
C ASN B 52 19.13 13.12 6.46
N LEU B 53 18.06 13.26 7.23
CA LEU B 53 17.69 14.59 7.73
C LEU B 53 18.63 15.05 8.82
N GLU B 54 19.06 14.14 9.70
CA GLU B 54 20.02 14.51 10.73
C GLU B 54 21.31 15.02 10.11
N SER B 55 21.83 14.29 9.12
CA SER B 55 23.03 14.74 8.42
C SER B 55 22.80 16.07 7.72
N PHE B 56 21.62 16.24 7.11
CA PHE B 56 21.35 17.47 6.38
C PHE B 56 21.27 18.67 7.32
N ILE B 57 20.55 18.51 8.43
CA ILE B 57 20.36 19.64 9.34
C ILE B 57 21.66 20.01 10.04
N ARG B 58 22.57 19.04 10.22
CA ARG B 58 23.82 19.32 10.93
C ARG B 58 24.72 20.28 10.18
N GLN B 59 24.51 20.47 8.88
CA GLN B 59 25.34 21.42 8.13
C GLN B 59 25.16 22.83 8.66
N ASP B 60 23.93 23.19 9.04
CA ASP B 60 23.65 24.49 9.62
C ASP B 60 23.46 24.44 11.14
N PHE B 61 23.13 23.27 11.68
CA PHE B 61 22.88 23.10 13.12
C PHE B 61 23.80 22.00 13.64
N PRO B 62 25.09 22.28 13.81
CA PRO B 62 25.96 21.24 14.39
C PRO B 62 25.46 20.83 15.75
N GLY B 63 25.77 19.60 16.12
CA GLY B 63 25.26 18.97 17.32
C GLY B 63 23.78 18.64 17.32
N THR B 64 23.18 18.47 16.14
CA THR B 64 21.76 18.12 16.06
C THR B 64 21.64 16.61 16.10
N LYS B 65 20.72 16.13 16.93
CA LYS B 65 20.36 14.73 17.00
C LYS B 65 18.86 14.61 16.77
N LEU B 66 18.46 13.65 15.94
CA LEU B 66 17.05 13.41 15.67
C LEU B 66 16.68 12.01 16.11
N SER B 67 15.53 11.91 16.79
CA SER B 67 15.02 10.65 17.30
C SER B 67 13.56 10.52 16.90
N LEU B 68 13.19 9.35 16.39
CA LEU B 68 11.79 9.10 16.06
C LEU B 68 11.01 8.80 17.32
N PHE B 69 9.76 9.26 17.35
CA PHE B 69 8.89 9.01 18.49
C PHE B 69 7.45 8.95 17.98
N GLY B 70 6.51 8.91 18.92
CA GLY B 70 5.11 8.79 18.57
C GLY B 70 4.79 7.43 17.99
N SER B 71 3.87 7.42 17.03
CA SER B 71 3.44 6.18 16.41
C SER B 71 4.58 5.51 15.63
N SER B 72 5.62 6.26 15.28
CA SER B 72 6.73 5.67 14.53
C SER B 72 7.50 4.65 15.35
N LYS B 73 7.47 4.77 16.69
CA LYS B 73 8.27 3.88 17.54
C LYS B 73 7.49 3.25 18.68
N ASN B 74 6.26 3.68 18.96
CA ASN B 74 5.51 3.10 20.08
C ASN B 74 4.91 1.74 19.73
N GLY B 75 5.10 1.26 18.50
CA GLY B 75 4.58 -0.03 18.10
C GLY B 75 3.15 -0.03 17.62
N PHE B 76 2.55 1.15 17.40
CA PHE B 76 1.14 1.24 17.02
C PHE B 76 0.93 2.10 15.78
N GLY B 77 1.98 2.32 14.98
CA GLY B 77 1.85 3.17 13.83
C GLY B 77 1.20 2.48 12.64
N PHE B 78 0.59 3.29 11.78
CA PHE B 78 0.04 2.83 10.53
C PHE B 78 1.02 3.13 9.40
N LYS B 79 0.76 2.53 8.24
CA LYS B 79 1.40 3.02 7.02
C LYS B 79 0.83 4.38 6.71
N GLN B 80 1.67 5.28 6.21
CA GLN B 80 1.31 6.66 5.89
C GLN B 80 1.10 7.49 7.14
N SER B 81 1.36 6.95 8.33
CA SER B 81 1.36 7.77 9.53
C SER B 81 2.46 8.81 9.41
N ASP B 82 2.17 10.02 9.89
CA ASP B 82 3.19 11.07 9.89
C ASP B 82 4.43 10.62 10.63
N LEU B 83 5.59 10.97 10.11
CA LEU B 83 6.87 10.65 10.73
C LEU B 83 7.18 11.75 11.73
N ALA B 84 7.06 11.44 13.02
CA ALA B 84 7.30 12.40 14.08
C ALA B 84 8.75 12.34 14.51
N VAL B 85 9.42 13.49 14.51
CA VAL B 85 10.85 13.58 14.76
C VAL B 85 11.07 14.56 15.92
N CYS B 86 11.84 14.13 16.90
CA CYS B 86 12.25 14.99 18.01
C CYS B 86 13.68 15.44 17.77
N MET B 87 13.88 16.75 17.74
CA MET B 87 15.19 17.34 17.50
C MET B 87 15.77 17.88 18.80
N THR B 88 17.01 17.49 19.09
CA THR B 88 17.75 18.00 20.23
C THR B 88 19.15 18.39 19.79
N ILE B 89 19.90 18.99 20.72
CA ILE B 89 21.25 19.46 20.46
C ILE B 89 22.16 18.90 21.55
N ASN B 90 23.23 18.22 21.14
CA ASN B 90 24.10 17.57 22.10
C ASN B 90 24.70 18.57 23.07
N GLY B 91 24.79 18.16 24.34
CA GLY B 91 25.22 19.03 25.41
C GLY B 91 24.13 19.89 26.00
N LEU B 92 23.06 20.14 25.26
CA LEU B 92 21.93 20.92 25.72
C LEU B 92 20.80 19.94 26.04
N GLU B 93 20.57 19.71 27.34
CA GLU B 93 19.67 18.65 27.78
C GLU B 93 18.20 19.05 27.80
N THR B 94 17.91 20.35 27.93
CA THR B 94 16.54 20.82 28.01
C THR B 94 16.34 22.01 27.07
N ALA B 95 15.09 22.22 26.68
CA ALA B 95 14.74 23.31 25.76
C ALA B 95 14.70 24.67 26.44
N GLU B 96 14.88 24.74 27.76
CA GLU B 96 15.06 26.03 28.39
C GLU B 96 16.43 26.57 28.02
N GLY B 97 16.53 27.87 27.80
CA GLY B 97 17.71 28.45 27.21
C GLY B 97 17.77 28.35 25.70
N LEU B 98 17.08 27.39 25.11
CA LEU B 98 16.90 27.34 23.66
C LEU B 98 15.63 28.07 23.24
N ASP B 99 15.77 28.96 22.27
CA ASP B 99 14.63 29.67 21.68
C ASP B 99 14.03 28.78 20.61
N CYS B 100 12.97 28.05 20.96
CA CYS B 100 12.41 27.05 20.05
C CYS B 100 11.63 27.67 18.91
N VAL B 101 10.93 28.78 19.15
CA VAL B 101 10.16 29.42 18.09
C VAL B 101 11.07 29.81 16.93
N ARG B 102 12.17 30.49 17.23
CA ARG B 102 13.07 30.96 16.17
C ARG B 102 13.89 29.81 15.60
N THR B 103 14.19 28.80 16.42
CA THR B 103 14.87 27.61 15.90
C THR B 103 14.04 26.96 14.80
N ILE B 104 12.72 26.85 15.01
CA ILE B 104 11.86 26.26 13.99
C ILE B 104 11.81 27.16 12.77
N GLU B 105 11.79 28.48 12.96
CA GLU B 105 11.75 29.39 11.82
C GLU B 105 13.00 29.23 10.96
N GLU B 106 14.18 29.17 11.58
CA GLU B 106 15.40 28.93 10.82
C GLU B 106 15.40 27.53 10.22
N LEU B 107 15.02 26.52 11.01
CA LEU B 107 14.96 25.16 10.49
C LEU B 107 14.11 25.10 9.23
N ALA B 108 13.07 25.93 9.13
CA ALA B 108 12.28 25.99 7.91
C ALA B 108 13.09 26.55 6.75
N ARG B 109 13.91 27.58 7.02
CA ARG B 109 14.77 28.13 5.98
C ARG B 109 15.73 27.08 5.44
N VAL B 110 16.33 26.29 6.34
CA VAL B 110 17.32 25.30 5.93
C VAL B 110 16.66 24.20 5.11
N LEU B 111 15.47 23.76 5.51
CA LEU B 111 14.84 22.60 4.87
C LEU B 111 14.31 22.90 3.47
N ARG B 112 14.04 24.17 3.14
CA ARG B 112 13.59 24.46 1.78
C ARG B 112 14.71 24.30 0.75
N LYS B 113 15.97 24.28 1.20
CA LYS B 113 17.09 24.00 0.31
C LYS B 113 17.21 22.51 -0.01
N HIS B 114 16.36 21.67 0.58
CA HIS B 114 16.41 20.22 0.40
C HIS B 114 15.49 19.86 -0.78
N SER B 115 16.09 19.45 -1.89
CA SER B 115 15.32 19.21 -3.11
C SER B 115 14.33 18.07 -2.95
N GLY B 116 14.53 17.18 -1.99
CA GLY B 116 13.62 16.06 -1.77
C GLY B 116 12.41 16.36 -0.92
N LEU B 117 12.21 17.62 -0.52
CA LEU B 117 11.11 18.00 0.35
C LEU B 117 10.23 19.05 -0.33
N ARG B 118 8.98 19.11 0.11
CA ARG B 118 8.03 20.11 -0.36
C ARG B 118 7.16 20.56 0.80
N ASN B 119 6.47 21.69 0.60
CA ASN B 119 5.52 22.23 1.57
C ASN B 119 6.14 22.38 2.96
N ILE B 120 7.27 23.08 3.03
CA ILE B 120 7.84 23.40 4.33
C ILE B 120 6.89 24.37 5.03
N LEU B 121 6.40 23.98 6.20
CA LEU B 121 5.38 24.75 6.92
C LEU B 121 5.75 24.87 8.39
N PRO B 122 6.33 26.00 8.81
CA PRO B 122 6.57 26.22 10.24
C PRO B 122 5.31 26.70 10.94
N ILE B 123 5.06 26.14 12.12
CA ILE B 123 3.91 26.49 12.95
C ILE B 123 4.46 26.75 14.35
N THR B 124 4.59 28.03 14.71
CA THR B 124 5.20 28.43 15.98
C THR B 124 4.18 28.83 17.03
N THR B 125 2.89 28.79 16.71
CA THR B 125 1.87 29.25 17.64
C THR B 125 1.51 28.19 18.67
N ALA B 126 1.52 26.91 18.29
CA ALA B 126 1.18 25.85 19.21
C ALA B 126 2.12 25.85 20.40
N LYS B 127 1.71 25.15 21.46
CA LYS B 127 2.53 25.08 22.66
C LYS B 127 3.91 24.52 22.34
N VAL B 128 3.96 23.58 21.41
CA VAL B 128 5.20 22.92 21.00
C VAL B 128 5.45 23.29 19.54
N PRO B 129 6.15 24.38 19.24
CA PRO B 129 6.34 24.77 17.84
C PRO B 129 6.95 23.63 17.03
N ILE B 130 6.48 23.49 15.78
CA ILE B 130 6.92 22.41 14.90
C ILE B 130 7.10 22.95 13.49
N VAL B 131 7.77 22.16 12.67
CA VAL B 131 7.85 22.38 11.23
C VAL B 131 7.45 21.08 10.54
N LYS B 132 6.54 21.17 9.58
CA LYS B 132 6.05 20.03 8.85
C LYS B 132 6.41 20.18 7.37
N PHE B 133 6.63 19.05 6.70
CA PHE B 133 6.95 19.05 5.28
C PHE B 133 6.62 17.68 4.70
N PHE B 134 6.66 17.62 3.37
CA PHE B 134 6.35 16.40 2.63
C PHE B 134 7.62 15.83 2.04
N HIS B 135 7.81 14.52 2.20
CA HIS B 135 9.00 13.81 1.74
C HIS B 135 8.64 13.03 0.49
N LEU B 136 9.20 13.45 -0.66
CA LEU B 136 8.77 12.92 -1.94
C LEU B 136 9.02 11.42 -2.06
N ARG B 137 10.28 11.00 -1.87
CA ARG B 137 10.66 9.63 -2.17
C ARG B 137 9.88 8.61 -1.37
N SER B 138 9.35 8.97 -0.21
CA SER B 138 8.57 8.06 0.62
C SER B 138 7.08 8.35 0.61
N GLY B 139 6.68 9.55 0.21
CA GLY B 139 5.27 9.92 0.26
C GLY B 139 4.75 10.16 1.67
N LEU B 140 5.64 10.40 2.63
CA LEU B 140 5.26 10.59 4.01
C LEU B 140 5.35 12.07 4.38
N GLU B 141 4.49 12.49 5.30
CA GLU B 141 4.60 13.79 5.93
C GLU B 141 5.46 13.66 7.19
N VAL B 142 6.33 14.63 7.40
CA VAL B 142 7.28 14.61 8.50
C VAL B 142 7.06 15.85 9.37
N ASP B 143 7.06 15.64 10.68
CA ASP B 143 6.97 16.71 11.67
C ASP B 143 8.24 16.71 12.51
N ILE B 144 8.91 17.85 12.57
CA ILE B 144 10.09 18.01 13.41
C ILE B 144 9.74 18.98 14.53
N SER B 145 9.83 18.50 15.76
CA SER B 145 9.61 19.30 16.95
C SER B 145 10.87 19.27 17.81
N LEU B 146 10.97 20.25 18.72
CA LEU B 146 12.17 20.44 19.52
C LEU B 146 11.91 19.97 20.95
N TYR B 147 12.76 19.05 21.42
CA TYR B 147 12.80 18.63 22.82
C TYR B 147 11.40 18.29 23.35
N ASN B 148 10.86 17.20 22.82
CA ASN B 148 9.60 16.64 23.33
C ASN B 148 9.91 15.46 24.25
N THR B 149 10.61 15.75 25.34
CA THR B 149 11.05 14.68 26.24
C THR B 149 9.88 13.89 26.77
N LEU B 150 8.86 14.57 27.30
CA LEU B 150 7.70 13.86 27.84
C LEU B 150 7.12 12.91 26.80
N ALA B 151 6.94 13.41 25.56
CA ALA B 151 6.44 12.56 24.48
C ALA B 151 7.27 11.30 24.32
N LEU B 152 8.60 11.43 24.42
CA LEU B 152 9.47 10.27 24.20
C LEU B 152 9.27 9.19 25.25
N HIS B 153 8.85 9.55 26.47
CA HIS B 153 8.76 8.56 27.52
C HIS B 153 7.45 7.79 27.50
N ASN B 154 6.32 8.44 27.14
CA ASN B 154 5.09 7.67 26.99
C ASN B 154 5.20 6.65 25.86
N THR B 155 5.94 6.98 24.80
CA THR B 155 6.19 6.00 23.74
C THR B 155 6.94 4.79 24.28
N ARG B 156 7.98 5.04 25.08
CA ARG B 156 8.66 3.94 25.77
C ARG B 156 7.67 3.15 26.61
N LEU B 157 6.74 3.85 27.28
CA LEU B 157 5.72 3.17 28.06
C LEU B 157 4.81 2.33 27.18
N LEU B 158 4.29 2.94 26.11
CA LEU B 158 3.42 2.21 25.19
C LEU B 158 4.17 1.06 24.53
N SER B 159 5.44 1.28 24.18
CA SER B 159 6.24 0.20 23.61
C SER B 159 6.43 -0.92 24.61
N ALA B 160 6.54 -0.59 25.90
CA ALA B 160 6.69 -1.62 26.93
C ALA B 160 5.41 -2.44 27.07
N TYR B 161 4.26 -1.78 27.11
CA TYR B 161 3.00 -2.52 27.19
C TYR B 161 2.79 -3.40 25.97
N SER B 162 3.11 -2.89 24.78
CA SER B 162 2.88 -3.65 23.56
C SER B 162 3.68 -4.95 23.53
N ALA B 163 4.74 -5.07 24.34
CA ALA B 163 5.58 -6.25 24.34
C ALA B 163 5.11 -7.30 25.36
N ILE B 164 4.24 -6.93 26.29
CA ILE B 164 3.81 -7.86 27.32
C ILE B 164 3.02 -9.02 26.71
N ASP B 165 2.09 -8.71 25.80
CA ASP B 165 1.22 -9.72 25.23
C ASP B 165 0.84 -9.31 23.82
N PRO B 166 0.82 -10.25 22.86
CA PRO B 166 0.43 -9.86 21.49
C PRO B 166 -0.96 -9.25 21.41
N ARG B 167 -1.86 -9.60 22.34
CA ARG B 167 -3.23 -9.10 22.29
C ARG B 167 -3.29 -7.58 22.49
N VAL B 168 -2.30 -7.00 23.18
CA VAL B 168 -2.27 -5.54 23.33
C VAL B 168 -2.19 -4.86 21.97
N LYS B 169 -1.25 -5.31 21.12
CA LYS B 169 -1.11 -4.70 19.80
C LYS B 169 -2.37 -4.90 18.96
N TYR B 170 -2.91 -6.13 18.96
CA TYR B 170 -4.11 -6.41 18.16
C TYR B 170 -5.24 -5.44 18.51
N LEU B 171 -5.48 -5.23 19.81
CA LEU B 171 -6.61 -4.38 20.21
C LEU B 171 -6.34 -2.91 19.92
N CYS B 172 -5.12 -2.45 20.17
CA CYS B 172 -4.81 -1.05 19.92
C CYS B 172 -4.93 -0.72 18.44
N TYR B 173 -4.50 -1.64 17.57
CA TYR B 173 -4.72 -1.46 16.14
C TYR B 173 -6.20 -1.53 15.80
N THR B 174 -6.94 -2.42 16.46
CA THR B 174 -8.39 -2.50 16.24
C THR B 174 -9.07 -1.21 16.68
N MET B 175 -8.75 -0.74 17.89
CA MET B 175 -9.27 0.55 18.34
C MET B 175 -8.88 1.67 17.37
N LYS B 176 -7.67 1.58 16.81
CA LYS B 176 -7.19 2.62 15.90
C LYS B 176 -7.99 2.62 14.60
N VAL B 177 -8.20 1.44 14.01
CA VAL B 177 -9.04 1.35 12.82
C VAL B 177 -10.45 1.84 13.13
N PHE B 178 -11.02 1.35 14.24
CA PHE B 178 -12.39 1.72 14.58
C PHE B 178 -12.56 3.23 14.64
N THR B 179 -11.69 3.90 15.40
CA THR B 179 -11.83 5.34 15.59
C THR B 179 -11.55 6.11 14.30
N LYS B 180 -10.56 5.66 13.51
CA LYS B 180 -10.29 6.32 12.24
C LYS B 180 -11.46 6.18 11.28
N MET B 181 -12.12 5.02 11.27
CA MET B 181 -13.26 4.83 10.38
C MET B 181 -14.49 5.59 10.86
N CYS B 182 -14.62 5.82 12.16
CA CYS B 182 -15.70 6.65 12.68
C CYS B 182 -15.39 8.14 12.59
N ASP B 183 -14.18 8.52 12.17
CA ASP B 183 -13.79 9.92 11.97
C ASP B 183 -13.73 10.67 13.31
N ILE B 184 -13.21 10.01 14.34
CA ILE B 184 -13.18 10.58 15.68
C ILE B 184 -11.78 10.42 16.29
N GLY B 185 -10.77 10.26 15.45
CA GLY B 185 -9.44 9.95 15.93
C GLY B 185 -8.39 10.98 15.58
N ASP B 186 -8.77 12.26 15.57
CA ASP B 186 -7.84 13.35 15.26
C ASP B 186 -8.13 14.49 16.22
N ALA B 187 -7.17 14.80 17.09
CA ALA B 187 -7.38 15.85 18.10
C ALA B 187 -7.42 17.23 17.48
N SER B 188 -6.66 17.47 16.41
CA SER B 188 -6.65 18.78 15.78
C SER B 188 -8.00 19.17 15.19
N ARG B 189 -8.90 18.20 15.02
CA ARG B 189 -10.21 18.47 14.43
C ARG B 189 -11.33 18.51 15.47
N GLY B 190 -11.05 18.19 16.73
CA GLY B 190 -12.02 18.28 17.80
C GLY B 190 -12.33 16.97 18.50
N SER B 191 -11.79 15.85 18.04
CA SER B 191 -12.02 14.56 18.68
C SER B 191 -10.78 14.20 19.52
N LEU B 192 -10.61 12.92 19.81
CA LEU B 192 -9.51 12.45 20.64
C LEU B 192 -8.37 11.92 19.77
N SER B 193 -7.16 12.03 20.30
CA SER B 193 -5.97 11.56 19.60
C SER B 193 -5.87 10.03 19.68
N SER B 194 -5.10 9.47 18.76
CA SER B 194 -4.78 8.04 18.82
C SER B 194 -4.26 7.66 20.19
N TYR B 195 -3.42 8.50 20.78
CA TYR B 195 -2.87 8.22 22.11
C TYR B 195 -3.98 8.07 23.13
N ALA B 196 -4.97 8.97 23.10
CA ALA B 196 -6.06 8.90 24.07
C ALA B 196 -6.80 7.57 23.98
N TYR B 197 -7.10 7.13 22.75
CA TYR B 197 -7.82 5.86 22.59
C TYR B 197 -6.96 4.69 23.04
N THR B 198 -5.65 4.76 22.78
CA THR B 198 -4.76 3.69 23.24
C THR B 198 -4.78 3.59 24.77
N LEU B 199 -4.79 4.73 25.46
CA LEU B 199 -4.90 4.69 26.91
C LEU B 199 -6.21 4.04 27.35
N MET B 200 -7.28 4.25 26.59
CA MET B 200 -8.55 3.60 26.92
C MET B 200 -8.45 2.09 26.79
N VAL B 201 -7.74 1.61 25.77
CA VAL B 201 -7.54 0.18 25.61
C VAL B 201 -6.74 -0.38 26.78
N LEU B 202 -5.61 0.26 27.09
CA LEU B 202 -4.76 -0.22 28.18
C LEU B 202 -5.51 -0.21 29.51
N TYR B 203 -6.28 0.86 29.77
CA TYR B 203 -7.04 0.93 31.01
C TYR B 203 -8.03 -0.24 31.12
N PHE B 204 -8.73 -0.54 30.02
CA PHE B 204 -9.64 -1.68 30.03
C PHE B 204 -8.91 -2.98 30.34
N LEU B 205 -7.72 -3.16 29.76
CA LEU B 205 -6.97 -4.40 29.97
C LEU B 205 -6.39 -4.48 31.37
N GLN B 206 -6.13 -3.33 32.00
CA GLN B 206 -5.65 -3.33 33.38
C GLN B 206 -6.77 -3.64 34.36
N GLN B 207 -7.98 -3.16 34.09
CA GLN B 207 -9.12 -3.37 34.97
C GLN B 207 -9.88 -4.65 34.69
N ARG B 208 -9.56 -5.34 33.59
CA ARG B 208 -10.20 -6.61 33.28
C ARG B 208 -9.92 -7.62 34.37
N ASN B 209 -10.87 -8.53 34.59
CA ASN B 209 -10.70 -9.61 35.55
C ASN B 209 -10.73 -10.96 34.82
N PRO B 210 -9.58 -11.66 34.74
CA PRO B 210 -8.24 -11.27 35.20
C PRO B 210 -7.60 -10.22 34.30
N PRO B 211 -6.64 -9.47 34.83
CA PRO B 211 -6.01 -8.41 34.02
C PRO B 211 -5.12 -9.00 32.92
N VAL B 212 -5.14 -8.35 31.77
CA VAL B 212 -4.26 -8.73 30.67
C VAL B 212 -2.89 -8.08 30.80
N ILE B 213 -2.82 -6.91 31.43
CA ILE B 213 -1.54 -6.23 31.65
C ILE B 213 -1.53 -5.62 33.03
N PRO B 214 -0.34 -5.45 33.60
CA PRO B 214 -0.25 -4.84 34.94
C PRO B 214 -0.20 -3.32 34.86
N VAL B 215 0.01 -2.67 36.00
CA VAL B 215 0.27 -1.25 36.05
C VAL B 215 1.79 -1.12 36.20
N LEU B 216 2.46 -0.94 35.06
CA LEU B 216 3.92 -0.94 35.06
C LEU B 216 4.48 0.15 35.97
N GLN B 217 3.78 1.27 36.10
CA GLN B 217 4.25 2.35 36.97
C GLN B 217 4.15 2.00 38.45
N GLU B 218 3.55 0.86 38.80
CA GLU B 218 3.44 0.43 40.19
C GLU B 218 4.21 -0.85 40.47
N ILE B 219 5.14 -1.22 39.60
CA ILE B 219 5.94 -2.42 39.79
C ILE B 219 7.39 -2.02 40.07
N LYS B 225 9.23 3.37 45.52
CA LYS B 225 9.35 3.30 44.06
C LYS B 225 10.29 4.39 43.55
N PRO B 226 11.15 4.06 42.57
CA PRO B 226 12.11 5.05 42.06
C PRO B 226 11.45 6.34 41.60
N GLU B 227 12.21 7.43 41.58
CA GLU B 227 11.71 8.75 41.23
C GLU B 227 12.67 9.39 40.23
N ILE B 228 12.29 9.38 38.96
CA ILE B 228 13.02 10.08 37.90
C ILE B 228 12.08 11.13 37.32
N PHE B 229 12.44 12.40 37.49
CA PHE B 229 11.56 13.51 37.17
C PHE B 229 11.95 14.15 35.85
N VAL B 230 10.94 14.49 35.06
CA VAL B 230 11.10 15.29 33.85
C VAL B 230 9.96 16.27 33.78
N ASP B 231 10.27 17.57 33.67
CA ASP B 231 9.27 18.63 33.68
C ASP B 231 8.43 18.59 34.95
N GLY B 232 8.99 18.06 36.04
CA GLY B 232 8.31 18.03 37.31
C GLY B 232 7.46 16.80 37.56
N TRP B 233 7.45 15.83 36.65
CA TRP B 233 6.62 14.64 36.78
C TRP B 233 7.50 13.40 36.84
N ASN B 234 7.05 12.41 37.62
CA ASN B 234 7.79 11.18 37.79
C ASN B 234 7.58 10.27 36.58
N ILE B 235 8.68 9.95 35.90
CA ILE B 235 8.63 9.16 34.68
C ILE B 235 8.73 7.66 34.94
N TYR B 236 9.06 7.25 36.16
CA TYR B 236 9.39 5.85 36.41
C TYR B 236 8.28 4.92 35.93
N PHE B 237 8.68 3.83 35.31
CA PHE B 237 7.80 2.70 35.05
C PHE B 237 8.66 1.46 34.89
N PHE B 238 8.06 0.31 35.15
CA PHE B 238 8.77 -0.97 35.03
C PHE B 238 8.98 -1.28 33.56
N ASP B 239 10.26 -1.43 33.16
CA ASP B 239 10.61 -1.55 31.76
C ASP B 239 11.26 -2.88 31.38
N GLN B 240 11.41 -3.82 32.30
CA GLN B 240 12.07 -5.10 32.02
C GLN B 240 11.00 -6.16 31.81
N ILE B 241 10.51 -6.25 30.57
CA ILE B 241 9.39 -7.15 30.26
C ILE B 241 9.83 -8.61 30.28
N ASP B 242 11.08 -8.89 29.92
CA ASP B 242 11.53 -10.28 29.88
C ASP B 242 11.52 -10.91 31.27
N GLU B 243 11.60 -10.10 32.33
CA GLU B 243 11.53 -10.57 33.70
C GLU B 243 10.21 -10.23 34.37
N LEU B 244 9.23 -9.75 33.60
CA LEU B 244 7.94 -9.37 34.18
C LEU B 244 7.25 -10.51 34.93
N PRO B 245 7.25 -11.76 34.44
CA PRO B 245 6.56 -12.83 35.17
C PRO B 245 6.99 -12.95 36.63
N THR B 246 8.17 -12.45 36.96
CA THR B 246 8.65 -12.52 38.35
C THR B 246 7.92 -11.51 39.23
N TYR B 247 7.74 -10.28 38.75
CA TYR B 247 7.21 -9.20 39.56
C TYR B 247 5.71 -9.04 39.42
N TRP B 248 5.06 -9.84 38.58
CA TRP B 248 3.61 -9.78 38.39
C TRP B 248 3.05 -11.18 38.60
N SER B 249 2.36 -11.38 39.72
CA SER B 249 1.87 -12.72 40.06
C SER B 249 0.88 -13.22 39.02
N GLU B 250 0.02 -12.33 38.51
CA GLU B 250 -1.08 -12.71 37.62
C GLU B 250 -0.66 -12.79 36.15
N CYS B 251 0.64 -12.88 35.88
CA CYS B 251 1.10 -12.84 34.48
C CYS B 251 0.50 -14.00 33.70
N GLY B 252 -0.17 -13.66 32.59
CA GLY B 252 -0.63 -14.68 31.66
C GLY B 252 -1.83 -15.45 32.13
N LYS B 253 -2.57 -14.95 33.12
CA LYS B 253 -3.71 -15.67 33.66
C LYS B 253 -5.03 -15.28 33.00
N ASN B 254 -5.02 -14.27 32.13
CA ASN B 254 -6.16 -13.99 31.27
C ASN B 254 -5.97 -14.70 29.94
N THR B 255 -6.91 -15.57 29.58
CA THR B 255 -6.81 -16.38 28.37
C THR B 255 -7.94 -16.06 27.39
N GLU B 256 -8.57 -14.91 27.51
CA GLU B 256 -9.59 -14.52 26.55
C GLU B 256 -8.96 -14.29 25.19
N SER B 257 -9.69 -14.67 24.13
CA SER B 257 -9.23 -14.39 22.79
C SER B 257 -9.34 -12.89 22.51
N VAL B 258 -8.58 -12.44 21.51
CA VAL B 258 -8.60 -11.02 21.15
C VAL B 258 -10.02 -10.60 20.74
N GLY B 259 -10.76 -11.49 20.09
CA GLY B 259 -12.14 -11.17 19.75
C GLY B 259 -13.00 -10.92 20.97
N GLN B 260 -12.89 -11.80 21.97
CA GLN B 260 -13.65 -11.62 23.21
C GLN B 260 -13.30 -10.30 23.88
N LEU B 261 -12.03 -9.92 23.84
CA LEU B 261 -11.60 -8.71 24.53
C LEU B 261 -12.08 -7.46 23.79
N TRP B 262 -12.07 -7.48 22.46
CA TRP B 262 -12.56 -6.34 21.71
C TRP B 262 -14.03 -6.09 22.01
N LEU B 263 -14.86 -7.12 21.88
CA LEU B 263 -16.27 -6.98 22.22
C LEU B 263 -16.42 -6.57 23.69
N GLY B 264 -15.64 -7.18 24.58
CA GLY B 264 -15.70 -6.80 25.99
C GLY B 264 -15.37 -5.33 26.19
N LEU B 265 -14.40 -4.80 25.46
CA LEU B 265 -14.07 -3.39 25.55
C LEU B 265 -15.27 -2.54 25.13
N LEU B 266 -15.91 -2.89 24.02
CA LEU B 266 -17.07 -2.13 23.57
C LEU B 266 -18.18 -2.15 24.60
N ARG B 267 -18.45 -3.31 25.20
CA ARG B 267 -19.45 -3.37 26.27
C ARG B 267 -19.00 -2.60 27.50
N PHE B 268 -17.69 -2.61 27.79
CA PHE B 268 -17.20 -1.96 28.99
C PHE B 268 -17.47 -0.46 28.95
N TYR B 269 -17.19 0.18 27.81
CA TYR B 269 -17.34 1.62 27.71
C TYR B 269 -18.75 2.07 27.30
N THR B 270 -19.63 1.13 26.94
CA THR B 270 -21.01 1.47 26.64
C THR B 270 -21.99 1.07 27.73
N GLU B 271 -21.65 0.07 28.56
CA GLU B 271 -22.57 -0.45 29.56
C GLU B 271 -22.12 -0.22 30.99
N GLU B 272 -20.82 -0.35 31.28
CA GLU B 272 -20.33 -0.40 32.65
C GLU B 272 -19.64 0.88 33.11
N PHE B 273 -18.63 1.35 32.36
CA PHE B 273 -17.80 2.43 32.85
C PHE B 273 -18.61 3.72 33.00
N ASP B 274 -18.48 4.34 34.17
CA ASP B 274 -19.18 5.59 34.47
C ASP B 274 -18.24 6.74 34.12
N PHE B 275 -18.48 7.37 32.96
CA PHE B 275 -17.60 8.43 32.50
C PHE B 275 -17.69 9.66 33.40
N LYS B 276 -18.81 9.88 34.06
CA LYS B 276 -18.99 11.05 34.90
C LYS B 276 -18.60 10.81 36.36
N GLU B 277 -18.10 9.62 36.68
CA GLU B 277 -17.72 9.28 38.05
C GLU B 277 -16.27 8.82 38.20
N HIS B 278 -15.64 8.31 37.15
CA HIS B 278 -14.29 7.78 37.24
C HIS B 278 -13.43 8.31 36.11
N VAL B 279 -12.13 8.39 36.37
CA VAL B 279 -11.15 8.89 35.41
C VAL B 279 -10.38 7.70 34.83
N ILE B 280 -10.20 7.71 33.51
CA ILE B 280 -9.39 6.71 32.82
C ILE B 280 -7.93 7.06 33.04
N SER B 281 -7.24 6.28 33.87
CA SER B 281 -5.84 6.55 34.22
C SER B 281 -5.12 5.22 34.32
N ILE B 282 -4.06 5.05 33.51
CA ILE B 282 -3.33 3.79 33.47
C ILE B 282 -2.18 3.76 34.47
N ARG B 283 -1.93 4.86 35.18
CA ARG B 283 -0.87 4.93 36.17
C ARG B 283 -1.23 4.27 37.49
N ARG B 284 -2.48 3.80 37.64
CA ARG B 284 -2.97 3.37 38.95
C ARG B 284 -4.01 2.29 38.76
N LYS B 285 -4.01 1.31 39.68
CA LYS B 285 -4.96 0.21 39.61
C LYS B 285 -6.30 0.57 40.26
N SER B 286 -6.28 1.28 41.38
CA SER B 286 -7.50 1.65 42.06
C SER B 286 -8.28 2.68 41.26
N LEU B 287 -9.61 2.58 41.31
CA LEU B 287 -10.46 3.47 40.54
C LEU B 287 -10.31 4.90 41.03
N LEU B 288 -10.26 5.83 40.07
CA LEU B 288 -9.96 7.23 40.33
C LEU B 288 -11.18 8.08 40.04
N THR B 289 -11.54 8.94 40.98
CA THR B 289 -12.79 9.70 40.89
C THR B 289 -12.54 11.05 40.21
N THR B 290 -13.50 11.47 39.40
CA THR B 290 -13.44 12.77 38.74
C THR B 290 -13.46 13.90 39.76
N TRP B 295 -11.86 17.77 37.87
CA TRP B 295 -12.07 17.45 36.47
C TRP B 295 -13.51 16.98 36.22
N THR B 296 -14.45 17.54 36.97
CA THR B 296 -15.85 17.23 36.80
C THR B 296 -16.53 18.11 35.75
N SER B 297 -15.75 18.96 35.07
CA SER B 297 -16.32 19.85 34.06
C SER B 297 -16.64 19.12 32.76
N LYS B 298 -15.81 18.14 32.39
CA LYS B 298 -15.87 17.52 31.08
C LYS B 298 -16.68 16.22 31.14
N TYR B 299 -16.84 15.59 29.98
CA TYR B 299 -17.64 14.39 29.84
C TYR B 299 -16.80 13.11 29.74
N ILE B 300 -15.68 13.16 29.04
CA ILE B 300 -14.73 12.04 28.99
C ILE B 300 -13.40 12.55 29.53
N VAL B 301 -12.93 11.93 30.61
CA VAL B 301 -11.71 12.35 31.30
C VAL B 301 -10.68 11.26 31.17
N ILE B 302 -9.55 11.57 30.54
CA ILE B 302 -8.46 10.63 30.36
C ILE B 302 -7.18 11.29 30.86
N GLU B 303 -6.58 10.72 31.89
CA GLU B 303 -5.41 11.30 32.52
C GLU B 303 -4.13 10.78 31.87
N ASP B 304 -3.25 11.70 31.49
CA ASP B 304 -1.95 11.30 30.98
C ASP B 304 -1.18 10.55 32.07
N PRO B 305 -0.52 9.44 31.72
CA PRO B 305 0.16 8.64 32.76
C PRO B 305 1.29 9.37 33.48
N PHE B 306 1.87 10.41 32.87
CA PHE B 306 2.98 11.13 33.47
C PHE B 306 2.59 12.55 33.88
N ASP B 307 2.10 13.37 32.96
CA ASP B 307 1.63 14.71 33.26
C ASP B 307 0.22 14.60 33.83
N LEU B 308 0.10 14.56 35.16
CA LEU B 308 -1.18 14.30 35.79
C LEU B 308 -2.13 15.49 35.74
N ASN B 309 -1.71 16.62 35.20
CA ASN B 309 -2.59 17.76 34.98
C ASN B 309 -3.12 17.82 33.55
N HIS B 310 -2.74 16.87 32.71
CA HIS B 310 -3.13 16.86 31.30
C HIS B 310 -4.29 15.90 31.11
N ASN B 311 -5.45 16.43 30.72
CA ASN B 311 -6.62 15.64 30.40
C ASN B 311 -6.77 15.60 28.88
N LEU B 312 -6.59 14.41 28.30
CA LEU B 312 -6.62 14.27 26.85
C LEU B 312 -8.00 14.49 26.24
N GLY B 313 -9.04 14.58 27.06
CA GLY B 313 -10.39 14.84 26.55
C GLY B 313 -10.89 16.22 26.90
N ALA B 314 -9.97 17.12 27.29
CA ALA B 314 -10.37 18.44 27.74
C ALA B 314 -10.95 19.28 26.62
N GLY B 315 -10.49 19.09 25.39
CA GLY B 315 -10.97 19.86 24.26
C GLY B 315 -12.26 19.36 23.65
N LEU B 316 -12.88 18.35 24.24
CA LEU B 316 -14.08 17.75 23.68
C LEU B 316 -15.29 18.64 23.91
N SER B 317 -16.09 18.84 22.87
CA SER B 317 -17.41 19.42 23.04
C SER B 317 -18.41 18.30 23.30
N ARG B 318 -19.60 18.67 23.79
CA ARG B 318 -20.59 17.65 24.11
C ARG B 318 -21.15 17.03 22.84
N LYS B 319 -21.40 17.84 21.81
CA LYS B 319 -21.88 17.31 20.55
C LYS B 319 -20.90 16.28 19.98
N MET B 320 -19.60 16.51 20.18
CA MET B 320 -18.61 15.52 19.77
C MET B 320 -18.60 14.32 20.71
N THR B 321 -18.82 14.57 22.00
CA THR B 321 -18.91 13.46 22.96
C THR B 321 -20.07 12.53 22.61
N ASN B 322 -21.24 13.11 22.32
CA ASN B 322 -22.39 12.29 21.96
C ASN B 322 -22.11 11.51 20.69
N PHE B 323 -21.40 12.12 19.73
CA PHE B 323 -21.05 11.43 18.50
C PHE B 323 -20.11 10.26 18.78
N ILE B 324 -19.14 10.46 19.68
CA ILE B 324 -18.24 9.38 20.06
C ILE B 324 -19.02 8.26 20.75
N MET B 325 -19.79 8.62 21.77
CA MET B 325 -20.56 7.61 22.50
C MET B 325 -21.47 6.83 21.58
N LYS B 326 -22.13 7.51 20.64
CA LYS B 326 -23.02 6.79 19.74
C LYS B 326 -22.25 5.88 18.80
N ALA B 327 -21.00 6.23 18.48
CA ALA B 327 -20.20 5.36 17.63
C ALA B 327 -19.82 4.08 18.35
N PHE B 328 -19.50 4.17 19.64
CA PHE B 328 -19.19 2.97 20.40
C PHE B 328 -20.41 2.08 20.54
N ILE B 329 -21.59 2.68 20.76
CA ILE B 329 -22.83 1.91 20.83
C ILE B 329 -23.05 1.18 19.50
N ASN B 330 -22.82 1.87 18.38
CA ASN B 330 -23.01 1.22 17.08
C ASN B 330 -21.99 0.12 16.86
N GLY B 331 -20.76 0.32 17.32
CA GLY B 331 -19.77 -0.76 17.26
C GLY B 331 -20.20 -1.97 18.07
N ARG B 332 -20.77 -1.73 19.25
CA ARG B 332 -21.26 -2.83 20.08
C ARG B 332 -22.26 -3.68 19.30
N ARG B 333 -23.13 -3.05 18.52
CA ARG B 333 -24.12 -3.79 17.75
C ARG B 333 -23.46 -4.62 16.64
N VAL B 334 -22.62 -3.97 15.82
CA VAL B 334 -22.07 -4.65 14.65
C VAL B 334 -21.19 -5.81 15.09
N PHE B 335 -20.29 -5.58 16.03
CA PHE B 335 -19.37 -6.62 16.48
C PHE B 335 -20.01 -7.61 17.43
N GLY B 336 -21.15 -7.28 18.03
CA GLY B 336 -21.76 -8.13 19.03
C GLY B 336 -23.00 -8.85 18.57
N ILE B 337 -23.59 -8.39 17.46
CA ILE B 337 -24.85 -8.95 16.98
C ILE B 337 -24.66 -9.42 15.54
N PRO B 338 -24.52 -10.72 15.28
CA PRO B 338 -24.52 -11.19 13.89
C PRO B 338 -25.80 -10.80 13.19
N VAL B 339 -25.69 -10.55 11.89
CA VAL B 339 -26.81 -10.10 11.07
C VAL B 339 -27.08 -11.16 10.00
N LYS B 340 -28.32 -11.16 9.53
CA LYS B 340 -28.75 -12.15 8.54
C LYS B 340 -27.92 -12.04 7.28
N GLY B 341 -27.34 -13.16 6.84
CA GLY B 341 -26.57 -13.20 5.62
C GLY B 341 -25.06 -13.14 5.82
N PHE B 342 -24.58 -12.96 7.04
CA PHE B 342 -23.16 -12.84 7.31
C PHE B 342 -22.56 -14.20 7.66
N PRO B 343 -21.35 -14.51 7.13
CA PRO B 343 -20.47 -13.73 6.26
C PRO B 343 -20.60 -14.11 4.79
N LYS B 344 -21.54 -14.98 4.46
CA LYS B 344 -21.67 -15.50 3.11
C LYS B 344 -22.04 -14.41 2.10
N ASP B 345 -22.70 -13.35 2.56
CA ASP B 345 -23.23 -12.32 1.67
C ASP B 345 -22.32 -11.11 1.58
N TYR B 346 -21.11 -11.16 2.15
CA TYR B 346 -20.23 -10.01 2.23
C TYR B 346 -18.84 -10.37 1.70
N PRO B 347 -18.32 -9.63 0.72
CA PRO B 347 -17.00 -9.98 0.17
C PRO B 347 -15.84 -9.65 1.08
N SER B 348 -15.98 -8.70 2.00
CA SER B 348 -14.88 -8.27 2.85
C SER B 348 -15.39 -8.11 4.28
N LYS B 349 -14.75 -8.81 5.22
CA LYS B 349 -15.12 -8.68 6.62
C LYS B 349 -14.70 -7.33 7.19
N MET B 350 -13.62 -6.75 6.67
CA MET B 350 -13.23 -5.41 7.10
C MET B 350 -14.27 -4.39 6.70
N GLU B 351 -14.76 -4.47 5.46
CA GLU B 351 -15.76 -3.51 5.00
C GLU B 351 -17.09 -3.68 5.72
N TYR B 352 -17.39 -4.87 6.22
CA TYR B 352 -18.65 -5.07 6.93
C TYR B 352 -18.58 -4.52 8.35
N PHE B 353 -17.54 -4.86 9.10
CA PHE B 353 -17.47 -4.44 10.49
C PHE B 353 -17.13 -2.97 10.63
N PHE B 354 -16.44 -2.38 9.66
CA PHE B 354 -15.99 -1.00 9.74
C PHE B 354 -16.64 -0.13 8.68
N ASP B 355 -17.93 -0.37 8.43
CA ASP B 355 -18.68 0.47 7.50
C ASP B 355 -19.02 1.79 8.19
N PRO B 356 -18.53 2.93 7.71
CA PRO B 356 -18.86 4.20 8.40
C PRO B 356 -20.34 4.54 8.33
N ASP B 357 -21.01 4.18 7.24
CA ASP B 357 -22.43 4.47 7.12
C ASP B 357 -23.26 3.72 8.15
N VAL B 358 -22.69 2.70 8.77
CA VAL B 358 -23.34 1.96 9.85
C VAL B 358 -22.89 2.46 11.22
N LEU B 359 -21.59 2.69 11.37
CA LEU B 359 -21.06 3.05 12.69
C LEU B 359 -21.48 4.46 13.09
N THR B 360 -21.50 5.40 12.14
CA THR B 360 -21.93 6.77 12.41
C THR B 360 -23.30 7.08 11.81
N GLU B 361 -24.00 6.07 11.29
CA GLU B 361 -25.33 6.27 10.70
C GLU B 361 -25.30 7.35 9.62
N GLY B 362 -24.26 7.34 8.80
CA GLY B 362 -24.16 8.27 7.69
C GLY B 362 -24.01 9.72 8.09
N GLU B 363 -23.88 10.02 9.37
CA GLU B 363 -23.68 11.39 9.83
C GLU B 363 -22.20 11.71 9.89
N LEU B 364 -21.88 13.00 9.92
CA LEU B 364 -20.51 13.47 9.96
C LEU B 364 -20.13 13.88 11.38
N ALA B 365 -18.89 13.55 11.75
CA ALA B 365 -18.35 14.01 13.02
C ALA B 365 -18.43 15.53 13.09
N PRO B 366 -18.95 16.11 14.19
CA PRO B 366 -19.14 17.57 14.26
C PRO B 366 -17.88 18.36 13.93
N GLN C 10 -13.64 -21.63 -34.95
CA GLN C 10 -14.07 -22.14 -33.65
C GLN C 10 -12.87 -22.73 -32.90
N LEU C 11 -13.02 -22.89 -31.59
CA LEU C 11 -11.90 -22.84 -30.66
C LEU C 11 -11.53 -24.21 -30.11
N GLU C 12 -10.42 -24.21 -29.38
CA GLU C 12 -9.85 -25.43 -28.80
C GLU C 12 -10.79 -26.01 -27.74
N PRO C 13 -11.07 -27.31 -27.77
CA PRO C 13 -11.94 -27.89 -26.73
C PRO C 13 -11.29 -27.82 -25.35
N LEU C 14 -12.12 -27.51 -24.35
CA LEU C 14 -11.68 -27.37 -22.96
C LEU C 14 -11.93 -28.65 -22.17
N PRO C 15 -10.93 -29.23 -21.53
CA PRO C 15 -11.17 -30.46 -20.77
C PRO C 15 -11.91 -30.16 -19.49
N PRO C 16 -12.65 -31.14 -18.95
CA PRO C 16 -13.25 -30.96 -17.62
C PRO C 16 -12.20 -30.56 -16.59
N LEU C 17 -12.61 -29.74 -15.63
CA LEU C 17 -11.70 -29.17 -14.66
C LEU C 17 -11.71 -29.98 -13.37
N THR C 18 -10.53 -30.10 -12.76
CA THR C 18 -10.41 -30.78 -11.48
C THR C 18 -10.77 -29.81 -10.34
N PRO C 19 -11.22 -30.33 -9.20
CA PRO C 19 -11.53 -29.43 -8.07
C PRO C 19 -10.33 -28.61 -7.63
N LYS C 20 -9.13 -29.19 -7.65
CA LYS C 20 -7.95 -28.46 -7.19
C LYS C 20 -7.57 -27.34 -8.14
N PHE C 21 -7.92 -27.46 -9.43
CA PHE C 21 -7.71 -26.35 -10.34
C PHE C 21 -8.80 -25.30 -10.23
N LEU C 22 -10.04 -25.73 -9.96
CA LEU C 22 -11.14 -24.78 -9.87
C LEU C 22 -10.99 -23.89 -8.65
N ASN C 23 -10.59 -24.45 -7.51
CA ASN C 23 -10.30 -23.63 -6.35
C ASN C 23 -9.20 -22.62 -6.65
N ILE C 24 -8.20 -23.02 -7.43
CA ILE C 24 -7.16 -22.09 -7.84
C ILE C 24 -7.77 -20.94 -8.63
N LEU C 25 -8.71 -21.25 -9.54
CA LEU C 25 -9.41 -20.19 -10.25
C LEU C 25 -10.24 -19.35 -9.28
N ASP C 26 -10.87 -20.00 -8.28
CA ASP C 26 -11.62 -19.26 -7.28
C ASP C 26 -10.74 -18.24 -6.57
N GLN C 27 -9.56 -18.67 -6.12
CA GLN C 27 -8.69 -17.79 -5.34
C GLN C 27 -8.15 -16.64 -6.19
N VAL C 28 -7.81 -16.91 -7.45
CA VAL C 28 -7.30 -15.86 -8.33
C VAL C 28 -8.33 -14.75 -8.49
N CYS C 29 -9.59 -15.13 -8.76
CA CYS C 29 -10.63 -14.13 -8.93
C CYS C 29 -10.83 -13.32 -7.65
N ILE C 30 -10.82 -13.99 -6.50
CA ILE C 30 -10.97 -13.29 -5.23
C ILE C 30 -9.74 -12.45 -4.94
N GLN C 31 -8.55 -12.94 -5.31
CA GLN C 31 -7.34 -12.16 -5.08
C GLN C 31 -7.36 -10.88 -5.89
N CYS C 32 -7.94 -10.91 -7.10
CA CYS C 32 -8.06 -9.70 -7.89
C CYS C 32 -8.83 -8.62 -7.14
N TYR C 33 -9.81 -9.02 -6.32
CA TYR C 33 -10.55 -8.06 -5.50
C TYR C 33 -9.78 -7.68 -4.26
N LYS C 34 -9.26 -8.69 -3.53
CA LYS C 34 -8.57 -8.41 -2.27
C LYS C 34 -7.32 -7.57 -2.51
N ASP C 35 -6.58 -7.86 -3.58
CA ASP C 35 -5.27 -7.26 -3.78
C ASP C 35 -5.33 -5.83 -4.31
N PHE C 36 -6.37 -5.48 -5.07
CA PHE C 36 -6.37 -4.24 -5.81
C PHE C 36 -7.51 -3.30 -5.47
N SER C 37 -8.46 -3.71 -4.65
CA SER C 37 -9.45 -2.77 -4.15
C SER C 37 -8.85 -1.97 -2.99
N PRO C 38 -9.28 -0.73 -2.80
CA PRO C 38 -8.72 0.06 -1.71
C PRO C 38 -9.08 -0.52 -0.35
N THR C 39 -8.19 -0.32 0.61
CA THR C 39 -8.50 -0.69 1.98
C THR C 39 -9.50 0.29 2.57
N ILE C 40 -10.13 -0.12 3.68
CA ILE C 40 -11.08 0.77 4.35
C ILE C 40 -10.39 2.06 4.77
N ILE C 41 -9.13 1.95 5.20
CA ILE C 41 -8.36 3.15 5.55
C ILE C 41 -8.12 4.01 4.32
N GLU C 42 -7.82 3.40 3.18
CA GLU C 42 -7.60 4.17 1.96
C GLU C 42 -8.88 4.85 1.50
N ASP C 43 -10.02 4.17 1.64
CA ASP C 43 -11.29 4.80 1.29
C ASP C 43 -11.57 5.98 2.21
N GLN C 44 -11.25 5.86 3.49
CA GLN C 44 -11.45 6.96 4.41
C GLN C 44 -10.55 8.14 4.04
N ALA C 45 -9.36 7.86 3.52
CA ALA C 45 -8.48 8.94 3.09
C ALA C 45 -9.09 9.73 1.95
N ARG C 46 -9.77 9.06 1.01
CA ARG C 46 -10.46 9.77 -0.05
C ARG C 46 -11.57 10.65 0.51
N GLU C 47 -12.30 10.16 1.52
CA GLU C 47 -13.33 10.98 2.14
C GLU C 47 -12.73 12.23 2.76
N HIS C 48 -11.60 12.09 3.46
CA HIS C 48 -10.97 13.24 4.09
C HIS C 48 -10.47 14.24 3.06
N ILE C 49 -10.03 13.76 1.89
CA ILE C 49 -9.68 14.69 0.81
C ILE C 49 -10.90 15.47 0.37
N ARG C 50 -12.03 14.77 0.21
CA ARG C 50 -13.26 15.44 -0.21
C ARG C 50 -13.64 16.54 0.77
N GLN C 51 -13.58 16.24 2.08
CA GLN C 51 -13.95 17.24 3.09
C GLN C 51 -13.02 18.45 3.03
N ASN C 52 -11.71 18.21 2.98
CA ASN C 52 -10.75 19.31 3.01
C ASN C 52 -10.81 20.15 1.75
N LEU C 53 -11.12 19.54 0.60
CA LEU C 53 -11.32 20.32 -0.61
C LEU C 53 -12.63 21.10 -0.54
N GLU C 54 -13.67 20.48 0.01
CA GLU C 54 -14.95 21.17 0.19
C GLU C 54 -14.78 22.39 1.10
N SER C 55 -14.12 22.20 2.24
CA SER C 55 -13.89 23.31 3.17
C SER C 55 -13.04 24.40 2.53
N PHE C 56 -12.00 24.00 1.79
CA PHE C 56 -11.11 24.98 1.18
C PHE C 56 -11.84 25.81 0.13
N ILE C 57 -12.62 25.15 -0.73
CA ILE C 57 -13.32 25.86 -1.80
C ILE C 57 -14.41 26.77 -1.24
N ARG C 58 -14.97 26.42 -0.08
CA ARG C 58 -16.04 27.22 0.49
C ARG C 58 -15.60 28.63 0.86
N GLN C 59 -14.31 28.85 1.09
CA GLN C 59 -13.83 30.20 1.39
C GLN C 59 -14.10 31.16 0.25
N ASP C 60 -14.14 30.66 -0.99
CA ASP C 60 -14.43 31.47 -2.16
C ASP C 60 -15.75 31.13 -2.82
N PHE C 61 -16.28 29.93 -2.59
CA PHE C 61 -17.57 29.50 -3.13
C PHE C 61 -18.41 29.10 -1.93
N PRO C 62 -18.99 30.06 -1.23
CA PRO C 62 -19.78 29.73 -0.04
C PRO C 62 -20.91 28.76 -0.39
N GLY C 63 -21.34 27.92 0.54
CA GLY C 63 -22.42 26.98 0.23
C GLY C 63 -22.08 25.92 -0.80
N THR C 64 -20.82 25.51 -0.83
CA THR C 64 -20.38 24.55 -1.82
C THR C 64 -20.48 23.13 -1.28
N LYS C 65 -20.83 22.18 -2.16
CA LYS C 65 -20.90 20.77 -1.81
C LYS C 65 -20.13 19.95 -2.83
N LEU C 66 -19.26 19.06 -2.35
CA LEU C 66 -18.52 18.13 -3.18
C LEU C 66 -19.02 16.71 -2.95
N SER C 67 -19.22 15.98 -4.03
CA SER C 67 -19.68 14.59 -3.96
C SER C 67 -18.79 13.71 -4.81
N LEU C 68 -18.35 12.59 -4.22
CA LEU C 68 -17.56 11.61 -4.94
C LEU C 68 -18.47 10.75 -5.81
N PHE C 69 -17.98 10.40 -7.00
CA PHE C 69 -18.70 9.51 -7.89
C PHE C 69 -17.68 8.72 -8.71
N GLY C 70 -18.17 7.95 -9.68
CA GLY C 70 -17.29 7.12 -10.49
C GLY C 70 -16.75 5.94 -9.70
N SER C 71 -15.50 5.57 -10.02
CA SER C 71 -14.88 4.41 -9.40
C SER C 71 -14.69 4.57 -7.90
N SER C 72 -14.69 5.81 -7.41
CA SER C 72 -14.53 6.04 -5.97
C SER C 72 -15.74 5.55 -5.17
N LYS C 73 -16.91 5.45 -5.79
CA LYS C 73 -18.13 5.10 -5.07
C LYS C 73 -18.94 3.97 -5.71
N ASN C 74 -18.61 3.53 -6.93
CA ASN C 74 -19.41 2.50 -7.60
C ASN C 74 -19.11 1.09 -7.09
N GLY C 75 -18.19 0.93 -6.15
CA GLY C 75 -17.87 -0.38 -5.62
C GLY C 75 -16.89 -1.20 -6.44
N PHE C 76 -16.28 -0.61 -7.48
CA PHE C 76 -15.38 -1.33 -8.36
C PHE C 76 -14.05 -0.60 -8.56
N GLY C 77 -13.71 0.33 -7.67
CA GLY C 77 -12.52 1.13 -7.86
C GLY C 77 -11.24 0.39 -7.47
N PHE C 78 -10.15 0.81 -8.09
CA PHE C 78 -8.81 0.35 -7.76
C PHE C 78 -8.12 1.35 -6.84
N LYS C 79 -7.00 0.92 -6.27
CA LYS C 79 -6.07 1.88 -5.70
C LYS C 79 -5.47 2.72 -6.82
N GLN C 80 -5.22 3.99 -6.53
CA GLN C 80 -4.67 4.95 -7.49
C GLN C 80 -5.70 5.40 -8.53
N SER C 81 -6.95 4.96 -8.42
CA SER C 81 -7.98 5.47 -9.31
C SER C 81 -8.15 6.96 -9.13
N ASP C 82 -8.38 7.66 -10.24
CA ASP C 82 -8.65 9.10 -10.16
C ASP C 82 -9.85 9.36 -9.26
N LEU C 83 -9.74 10.42 -8.47
CA LEU C 83 -10.81 10.82 -7.55
C LEU C 83 -11.76 11.74 -8.30
N ALA C 84 -12.95 11.23 -8.63
CA ALA C 84 -13.93 12.01 -9.38
C ALA C 84 -14.86 12.73 -8.41
N VAL C 85 -14.97 14.04 -8.56
CA VAL C 85 -15.70 14.89 -7.62
C VAL C 85 -16.74 15.70 -8.38
N CYS C 86 -17.98 15.68 -7.91
CA CYS C 86 -19.04 16.52 -8.44
C CYS C 86 -19.24 17.70 -7.51
N MET C 87 -19.16 18.91 -8.05
CA MET C 87 -19.31 20.13 -7.28
C MET C 87 -20.67 20.76 -7.57
N THR C 88 -21.40 21.09 -6.50
CA THR C 88 -22.65 21.83 -6.59
C THR C 88 -22.60 22.93 -5.55
N ILE C 89 -23.57 23.84 -5.61
CA ILE C 89 -23.61 24.98 -4.70
C ILE C 89 -25.01 25.08 -4.11
N ASN C 90 -25.11 25.06 -2.79
CA ASN C 90 -26.39 25.15 -2.11
C ASN C 90 -27.05 26.48 -2.44
N GLY C 91 -28.36 26.45 -2.66
CA GLY C 91 -29.09 27.62 -3.10
C GLY C 91 -29.08 27.85 -4.59
N LEU C 92 -28.17 27.21 -5.32
CA LEU C 92 -28.19 27.22 -6.78
C LEU C 92 -28.82 25.91 -7.22
N GLU C 93 -30.10 25.96 -7.59
CA GLU C 93 -30.84 24.74 -7.83
C GLU C 93 -30.36 24.02 -9.08
N THR C 94 -29.88 24.76 -10.06
CA THR C 94 -29.48 24.19 -11.34
C THR C 94 -28.28 24.96 -11.86
N ALA C 95 -27.78 24.56 -13.03
CA ALA C 95 -26.57 25.15 -13.58
C ALA C 95 -26.84 26.27 -14.58
N GLU C 96 -28.10 26.53 -14.94
CA GLU C 96 -28.39 27.72 -15.74
C GLU C 96 -28.26 28.97 -14.88
N GLY C 97 -27.81 30.06 -15.51
CA GLY C 97 -27.42 31.25 -14.79
C GLY C 97 -25.99 31.11 -14.30
N LEU C 98 -25.60 29.86 -14.05
CA LEU C 98 -24.21 29.48 -13.87
C LEU C 98 -23.59 29.03 -15.18
N ASP C 99 -24.37 29.01 -16.26
CA ASP C 99 -23.98 28.46 -17.56
C ASP C 99 -22.61 28.92 -18.02
N CYS C 100 -22.05 29.94 -17.37
CA CYS C 100 -20.66 30.33 -17.62
C CYS C 100 -19.71 29.36 -16.92
N VAL C 101 -20.05 28.07 -16.92
CA VAL C 101 -19.25 27.01 -16.31
C VAL C 101 -17.77 27.21 -16.58
N ARG C 102 -17.44 27.84 -17.71
CA ARG C 102 -16.03 28.01 -18.09
C ARG C 102 -15.35 29.05 -17.20
N THR C 103 -16.07 30.10 -16.80
CA THR C 103 -15.49 31.10 -15.90
C THR C 103 -15.34 30.55 -14.48
N ILE C 104 -16.23 29.65 -14.06
CA ILE C 104 -16.18 29.14 -12.70
C ILE C 104 -15.02 28.17 -12.54
N GLU C 105 -14.79 27.32 -13.54
CA GLU C 105 -13.61 26.46 -13.50
C GLU C 105 -12.34 27.27 -13.63
N GLU C 106 -12.38 28.38 -14.37
CA GLU C 106 -11.24 29.29 -14.38
C GLU C 106 -11.07 29.96 -13.02
N LEU C 107 -12.17 30.34 -12.38
CA LEU C 107 -12.09 30.91 -11.05
C LEU C 107 -11.78 29.87 -9.99
N ALA C 108 -11.70 28.59 -10.36
CA ALA C 108 -11.08 27.60 -9.48
C ALA C 108 -9.56 27.76 -9.43
N ARG C 109 -9.06 28.91 -9.90
CA ARG C 109 -7.74 29.41 -9.56
C ARG C 109 -7.50 29.25 -8.06
N VAL C 110 -8.58 29.31 -7.28
CA VAL C 110 -8.54 29.10 -5.83
C VAL C 110 -7.65 27.92 -5.51
N LEU C 111 -7.72 26.87 -6.34
CA LEU C 111 -6.98 25.64 -6.04
C LEU C 111 -5.48 25.81 -6.20
N ARG C 112 -5.04 26.82 -6.97
CA ARG C 112 -3.60 27.06 -7.11
C ARG C 112 -2.99 27.60 -5.82
N LYS C 113 -3.79 28.18 -4.93
CA LYS C 113 -3.32 28.62 -3.62
C LYS C 113 -3.19 27.50 -2.61
N HIS C 114 -3.56 26.28 -2.97
CA HIS C 114 -3.52 25.15 -2.04
C HIS C 114 -2.15 24.49 -2.16
N SER C 115 -1.33 24.65 -1.12
CA SER C 115 0.06 24.20 -1.19
C SER C 115 0.17 22.68 -1.34
N GLY C 116 -0.88 21.94 -1.01
CA GLY C 116 -0.88 20.50 -1.15
C GLY C 116 -1.24 19.96 -2.51
N LEU C 117 -1.44 20.83 -3.49
CA LEU C 117 -1.86 20.43 -4.83
C LEU C 117 -0.80 20.85 -5.85
N ARG C 118 -0.77 20.14 -6.97
CA ARG C 118 0.13 20.46 -8.07
C ARG C 118 -0.58 20.23 -9.39
N ASN C 119 -0.02 20.80 -10.45
CA ASN C 119 -0.52 20.62 -11.81
C ASN C 119 -2.01 20.93 -11.91
N ILE C 120 -2.39 22.13 -11.45
CA ILE C 120 -3.76 22.60 -11.61
C ILE C 120 -4.01 22.87 -13.10
N LEU C 121 -5.02 22.21 -13.66
CA LEU C 121 -5.30 22.31 -15.09
C LEU C 121 -6.79 22.58 -15.31
N PRO C 122 -7.18 23.83 -15.56
CA PRO C 122 -8.57 24.10 -15.94
C PRO C 122 -8.82 23.81 -17.41
N ILE C 123 -9.41 22.66 -17.71
CA ILE C 123 -9.68 22.24 -19.08
C ILE C 123 -11.15 22.51 -19.34
N THR C 124 -11.43 23.57 -20.09
CA THR C 124 -12.80 24.00 -20.32
C THR C 124 -13.33 23.60 -21.70
N THR C 125 -12.52 22.96 -22.55
CA THR C 125 -12.96 22.66 -23.91
C THR C 125 -13.74 21.35 -24.04
N ALA C 126 -13.35 20.29 -23.32
CA ALA C 126 -14.05 19.01 -23.43
C ALA C 126 -15.48 19.15 -22.94
N LYS C 127 -16.32 18.19 -23.32
CA LYS C 127 -17.69 18.22 -22.83
C LYS C 127 -17.69 18.13 -21.32
N VAL C 128 -18.58 18.90 -20.71
CA VAL C 128 -18.64 18.99 -19.26
C VAL C 128 -17.24 19.33 -18.77
N PRO C 129 -16.85 20.60 -18.84
CA PRO C 129 -15.49 20.97 -18.45
C PRO C 129 -15.18 20.65 -17.00
N ILE C 130 -13.90 20.39 -16.71
CA ILE C 130 -13.44 20.02 -15.38
C ILE C 130 -12.15 20.79 -15.05
N VAL C 131 -11.83 20.82 -13.76
CA VAL C 131 -10.54 21.28 -13.27
C VAL C 131 -9.82 20.07 -12.70
N LYS C 132 -8.60 19.82 -13.20
CA LYS C 132 -7.82 18.65 -12.85
C LYS C 132 -6.59 19.07 -12.05
N PHE C 133 -6.18 18.23 -11.10
CA PHE C 133 -4.98 18.52 -10.35
C PHE C 133 -4.47 17.25 -9.68
N PHE C 134 -3.27 17.35 -9.12
CA PHE C 134 -2.59 16.26 -8.44
C PHE C 134 -2.54 16.55 -6.94
N HIS C 135 -2.89 15.56 -6.13
CA HIS C 135 -2.92 15.70 -4.67
C HIS C 135 -1.70 14.99 -4.10
N LEU C 136 -0.78 15.77 -3.51
CA LEU C 136 0.54 15.26 -3.16
C LEU C 136 0.46 14.12 -2.15
N ARG C 137 -0.15 14.38 -0.98
CA ARG C 137 -0.06 13.41 0.11
C ARG C 137 -0.58 12.04 -0.31
N SER C 138 -1.65 12.00 -1.12
CA SER C 138 -2.23 10.74 -1.52
C SER C 138 -1.69 10.21 -2.83
N GLY C 139 -1.06 11.06 -3.64
CA GLY C 139 -0.61 10.64 -4.95
C GLY C 139 -1.72 10.42 -5.95
N LEU C 140 -2.89 11.01 -5.71
CA LEU C 140 -4.06 10.80 -6.55
C LEU C 140 -4.31 12.00 -7.44
N GLU C 141 -4.85 11.74 -8.63
CA GLU C 141 -5.37 12.79 -9.51
C GLU C 141 -6.83 13.03 -9.17
N VAL C 142 -7.22 14.30 -9.14
CA VAL C 142 -8.57 14.70 -8.76
C VAL C 142 -9.19 15.47 -9.92
N ASP C 143 -10.42 15.12 -10.28
CA ASP C 143 -11.18 15.83 -11.30
C ASP C 143 -12.43 16.40 -10.63
N ILE C 144 -12.61 17.72 -10.71
CA ILE C 144 -13.78 18.38 -10.16
C ILE C 144 -14.60 18.90 -11.33
N SER C 145 -15.84 18.41 -11.42
CA SER C 145 -16.79 18.84 -12.45
C SER C 145 -18.02 19.44 -11.77
N LEU C 146 -18.80 20.18 -12.55
CA LEU C 146 -19.93 20.95 -12.04
C LEU C 146 -21.24 20.31 -12.46
N TYR C 147 -22.10 20.00 -11.48
CA TYR C 147 -23.47 19.58 -11.72
C TYR C 147 -23.54 18.48 -12.77
N ASN C 148 -23.01 17.32 -12.41
CA ASN C 148 -23.07 16.12 -13.24
C ASN C 148 -24.21 15.26 -12.72
N THR C 149 -25.09 14.81 -13.62
CA THR C 149 -26.26 14.05 -13.21
C THR C 149 -26.21 12.58 -13.61
N LEU C 150 -26.13 12.27 -14.90
CA LEU C 150 -26.16 10.88 -15.34
C LEU C 150 -25.04 10.07 -14.69
N ALA C 151 -23.82 10.60 -14.72
CA ALA C 151 -22.70 9.90 -14.10
C ALA C 151 -23.02 9.49 -12.67
N LEU C 152 -23.68 10.37 -11.91
CA LEU C 152 -23.99 10.04 -10.53
C LEU C 152 -24.94 8.85 -10.44
N HIS C 153 -25.79 8.67 -11.46
CA HIS C 153 -26.77 7.59 -11.43
C HIS C 153 -26.14 6.27 -11.90
N ASN C 154 -25.19 6.33 -12.84
CA ASN C 154 -24.43 5.13 -13.19
C ASN C 154 -23.66 4.63 -11.97
N THR C 155 -23.16 5.55 -11.15
CA THR C 155 -22.47 5.18 -9.91
C THR C 155 -23.41 4.42 -8.97
N ARG C 156 -24.57 5.01 -8.65
CA ARG C 156 -25.47 4.36 -7.70
C ARG C 156 -25.97 3.03 -8.24
N LEU C 157 -26.27 2.95 -9.54
CA LEU C 157 -26.71 1.70 -10.13
C LEU C 157 -25.66 0.61 -9.96
N LEU C 158 -24.42 0.91 -10.34
CA LEU C 158 -23.34 -0.08 -10.21
C LEU C 158 -23.11 -0.45 -8.75
N SER C 159 -23.19 0.52 -7.84
CA SER C 159 -23.02 0.22 -6.43
C SER C 159 -24.11 -0.71 -5.93
N ALA C 160 -25.33 -0.59 -6.47
CA ALA C 160 -26.41 -1.48 -6.06
C ALA C 160 -26.13 -2.91 -6.51
N TYR C 161 -25.70 -3.10 -7.76
CA TYR C 161 -25.37 -4.43 -8.23
C TYR C 161 -24.22 -5.03 -7.43
N SER C 162 -23.21 -4.23 -7.11
CA SER C 162 -22.03 -4.74 -6.42
C SER C 162 -22.37 -5.31 -5.04
N ALA C 163 -23.49 -4.91 -4.46
CA ALA C 163 -23.88 -5.37 -3.13
C ALA C 163 -24.76 -6.61 -3.16
N ILE C 164 -25.32 -6.98 -4.32
CA ILE C 164 -26.26 -8.08 -4.38
C ILE C 164 -25.58 -9.40 -4.02
N ASP C 165 -24.38 -9.64 -4.56
CA ASP C 165 -23.70 -10.90 -4.34
C ASP C 165 -22.19 -10.64 -4.37
N PRO C 166 -21.41 -11.25 -3.48
CA PRO C 166 -19.96 -11.00 -3.49
C PRO C 166 -19.30 -11.36 -4.80
N ARG C 167 -19.86 -12.33 -5.55
CA ARG C 167 -19.27 -12.73 -6.81
C ARG C 167 -19.30 -11.62 -7.85
N VAL C 168 -20.23 -10.67 -7.72
CA VAL C 168 -20.27 -9.53 -8.63
C VAL C 168 -18.97 -8.74 -8.52
N LYS C 169 -18.56 -8.42 -7.28
CA LYS C 169 -17.31 -7.68 -7.10
C LYS C 169 -16.11 -8.52 -7.53
N TYR C 170 -16.09 -9.80 -7.16
CA TYR C 170 -14.96 -10.65 -7.52
C TYR C 170 -14.75 -10.65 -9.04
N LEU C 171 -15.83 -10.81 -9.82
CA LEU C 171 -15.70 -10.92 -11.26
C LEU C 171 -15.39 -9.57 -11.90
N CYS C 172 -16.03 -8.50 -11.43
CA CYS C 172 -15.77 -7.18 -12.00
C CYS C 172 -14.33 -6.75 -11.77
N TYR C 173 -13.75 -7.11 -10.63
CA TYR C 173 -12.34 -6.83 -10.41
C TYR C 173 -11.46 -7.75 -11.26
N THR C 174 -11.88 -9.00 -11.45
CA THR C 174 -11.14 -9.90 -12.32
C THR C 174 -11.12 -9.36 -13.75
N MET C 175 -12.29 -9.00 -14.27
CA MET C 175 -12.35 -8.37 -15.59
C MET C 175 -11.49 -7.12 -15.65
N LYS C 176 -11.45 -6.35 -14.56
CA LYS C 176 -10.68 -5.11 -14.55
C LYS C 176 -9.19 -5.40 -14.63
N VAL C 177 -8.71 -6.36 -13.82
CA VAL C 177 -7.31 -6.78 -13.90
C VAL C 177 -7.01 -7.31 -15.30
N PHE C 178 -7.90 -8.16 -15.82
CA PHE C 178 -7.67 -8.78 -17.13
C PHE C 178 -7.44 -7.72 -18.20
N THR C 179 -8.36 -6.76 -18.31
CA THR C 179 -8.27 -5.76 -19.38
C THR C 179 -7.08 -4.83 -19.18
N LYS C 180 -6.80 -4.45 -17.94
CA LYS C 180 -5.65 -3.57 -17.68
C LYS C 180 -4.34 -4.27 -18.07
N MET C 181 -4.24 -5.57 -17.81
CA MET C 181 -3.01 -6.29 -18.14
C MET C 181 -2.89 -6.52 -19.64
N CYS C 182 -4.02 -6.64 -20.34
CA CYS C 182 -4.01 -6.74 -21.80
C CYS C 182 -3.91 -5.37 -22.46
N ASP C 183 -3.93 -4.29 -21.68
CA ASP C 183 -3.75 -2.94 -22.23
C ASP C 183 -4.92 -2.55 -23.12
N ILE C 184 -6.14 -2.92 -22.71
CA ILE C 184 -7.33 -2.69 -23.52
C ILE C 184 -8.43 -2.03 -22.69
N GLY C 185 -8.05 -1.37 -21.60
CA GLY C 185 -9.04 -0.85 -20.68
C GLY C 185 -9.01 0.65 -20.50
N ASP C 186 -8.70 1.40 -21.56
CA ASP C 186 -8.63 2.86 -21.49
C ASP C 186 -9.29 3.42 -22.73
N ALA C 187 -10.42 4.12 -22.55
CA ALA C 187 -11.19 4.64 -23.68
C ALA C 187 -10.45 5.79 -24.35
N SER C 188 -9.68 6.57 -23.60
CA SER C 188 -8.96 7.70 -24.17
C SER C 188 -7.89 7.28 -25.16
N ARG C 189 -7.55 5.98 -25.22
CA ARG C 189 -6.56 5.48 -26.18
C ARG C 189 -7.19 4.53 -27.20
N GLY C 190 -8.51 4.55 -27.35
CA GLY C 190 -9.17 3.85 -28.43
C GLY C 190 -9.87 2.55 -28.06
N SER C 191 -9.75 2.10 -26.82
CA SER C 191 -10.38 0.86 -26.38
C SER C 191 -11.66 1.18 -25.60
N LEU C 192 -12.10 0.24 -24.76
CA LEU C 192 -13.32 0.40 -23.99
C LEU C 192 -12.98 0.85 -22.58
N SER C 193 -13.91 1.60 -21.99
CA SER C 193 -13.75 2.09 -20.63
C SER C 193 -13.97 0.98 -19.62
N SER C 194 -13.44 1.19 -18.42
CA SER C 194 -13.75 0.29 -17.31
C SER C 194 -15.26 0.11 -17.17
N TYR C 195 -16.00 1.21 -17.35
CA TYR C 195 -17.46 1.16 -17.25
C TYR C 195 -18.04 0.16 -18.24
N ALA C 196 -17.57 0.20 -19.49
CA ALA C 196 -18.10 -0.68 -20.53
C ALA C 196 -17.88 -2.16 -20.17
N TYR C 197 -16.68 -2.50 -19.70
CA TYR C 197 -16.40 -3.90 -19.38
C TYR C 197 -17.24 -4.38 -18.21
N THR C 198 -17.47 -3.50 -17.22
CA THR C 198 -18.33 -3.88 -16.11
C THR C 198 -19.74 -4.21 -16.60
N LEU C 199 -20.23 -3.46 -17.57
CA LEU C 199 -21.55 -3.76 -18.14
C LEU C 199 -21.55 -5.14 -18.78
N MET C 200 -20.43 -5.54 -19.40
CA MET C 200 -20.36 -6.87 -19.99
C MET C 200 -20.43 -7.95 -18.91
N VAL C 201 -19.77 -7.72 -17.77
CA VAL C 201 -19.84 -8.67 -16.66
C VAL C 201 -21.27 -8.76 -16.15
N LEU C 202 -21.89 -7.61 -15.86
CA LEU C 202 -23.25 -7.61 -15.33
C LEU C 202 -24.22 -8.26 -16.31
N TYR C 203 -24.08 -7.95 -17.59
CA TYR C 203 -24.96 -8.56 -18.60
C TYR C 203 -24.79 -10.08 -18.61
N PHE C 204 -23.55 -10.56 -18.55
CA PHE C 204 -23.31 -12.00 -18.48
C PHE C 204 -23.99 -12.59 -17.25
N LEU C 205 -23.92 -11.91 -16.12
CA LEU C 205 -24.51 -12.43 -14.89
C LEU C 205 -26.02 -12.33 -14.89
N GLN C 206 -26.59 -11.38 -15.63
CA GLN C 206 -28.05 -11.30 -15.75
C GLN C 206 -28.60 -12.38 -16.66
N GLN C 207 -27.87 -12.70 -17.73
CA GLN C 207 -28.32 -13.68 -18.71
C GLN C 207 -27.92 -15.10 -18.35
N ARG C 208 -27.09 -15.28 -17.33
CA ARG C 208 -26.73 -16.62 -16.88
C ARG C 208 -27.96 -17.39 -16.43
N ASN C 209 -27.92 -18.71 -16.63
CA ASN C 209 -29.01 -19.57 -16.18
C ASN C 209 -28.51 -20.56 -15.12
N PRO C 210 -28.94 -20.39 -13.86
CA PRO C 210 -29.78 -19.31 -13.33
C PRO C 210 -29.01 -17.99 -13.18
N PRO C 211 -29.72 -16.86 -13.18
CA PRO C 211 -29.03 -15.56 -13.09
C PRO C 211 -28.44 -15.32 -11.72
N VAL C 212 -27.28 -14.65 -11.72
CA VAL C 212 -26.63 -14.23 -10.47
C VAL C 212 -27.18 -12.89 -9.98
N ILE C 213 -27.66 -12.04 -10.89
CA ILE C 213 -28.24 -10.75 -10.51
C ILE C 213 -29.47 -10.48 -11.34
N PRO C 214 -30.41 -9.69 -10.79
CA PRO C 214 -31.61 -9.36 -11.54
C PRO C 214 -31.43 -8.15 -12.45
N VAL C 215 -32.50 -7.71 -13.10
CA VAL C 215 -32.51 -6.45 -13.84
C VAL C 215 -33.19 -5.44 -12.94
N LEU C 216 -32.39 -4.70 -12.17
CA LEU C 216 -32.94 -3.78 -11.18
C LEU C 216 -33.86 -2.74 -11.81
N GLN C 217 -33.55 -2.31 -13.04
CA GLN C 217 -34.40 -1.32 -13.71
C GLN C 217 -35.76 -1.88 -14.08
N GLU C 218 -36.00 -3.19 -13.94
CA GLU C 218 -37.29 -3.79 -14.24
C GLU C 218 -37.96 -4.36 -13.00
N ILE C 219 -37.49 -4.01 -11.81
CA ILE C 219 -38.09 -4.43 -10.54
C ILE C 219 -38.63 -3.20 -9.84
N TYR C 220 -39.89 -3.26 -9.42
CA TYR C 220 -40.52 -2.12 -8.77
C TYR C 220 -41.62 -2.61 -7.84
N LYS C 221 -41.87 -1.83 -6.79
CA LYS C 221 -42.94 -2.11 -5.85
C LYS C 221 -44.27 -1.67 -6.45
N GLY C 222 -45.26 -2.55 -6.41
CA GLY C 222 -46.56 -2.25 -6.98
C GLY C 222 -46.48 -2.19 -8.50
N GLU C 223 -47.64 -1.92 -9.10
CA GLU C 223 -47.76 -1.89 -10.56
C GLU C 223 -47.15 -0.63 -11.16
N LYS C 225 -44.08 0.94 -13.28
CA LYS C 225 -42.71 1.29 -12.92
C LYS C 225 -42.60 2.80 -12.69
N PRO C 226 -41.91 3.22 -11.63
CA PRO C 226 -41.74 4.66 -11.40
C PRO C 226 -41.08 5.34 -12.59
N GLU C 227 -41.33 6.64 -12.72
CA GLU C 227 -40.83 7.44 -13.84
C GLU C 227 -40.23 8.73 -13.29
N ILE C 228 -38.91 8.77 -13.22
CA ILE C 228 -38.14 9.94 -12.81
C ILE C 228 -37.21 10.27 -13.97
N PHE C 229 -37.50 11.34 -14.70
CA PHE C 229 -36.82 11.65 -15.95
C PHE C 229 -35.76 12.72 -15.75
N VAL C 230 -34.50 12.36 -15.97
CA VAL C 230 -33.37 13.27 -15.91
C VAL C 230 -32.67 13.25 -17.25
N ASP C 231 -32.48 14.43 -17.85
CA ASP C 231 -31.87 14.55 -19.17
C ASP C 231 -32.63 13.74 -20.22
N GLY C 232 -33.93 13.55 -20.00
CA GLY C 232 -34.78 12.85 -20.94
C GLY C 232 -34.87 11.36 -20.75
N TRP C 233 -34.18 10.80 -19.75
CA TRP C 233 -34.15 9.36 -19.54
C TRP C 233 -34.66 9.03 -18.15
N ASN C 234 -35.35 7.88 -18.05
CA ASN C 234 -35.88 7.41 -16.77
C ASN C 234 -34.77 6.75 -15.98
N ILE C 235 -34.38 7.36 -14.86
CA ILE C 235 -33.23 6.91 -14.08
C ILE C 235 -33.67 6.04 -12.90
N TYR C 236 -34.86 5.47 -12.95
CA TYR C 236 -35.31 4.62 -11.85
C TYR C 236 -34.64 3.26 -11.89
N PHE C 237 -34.29 2.75 -10.71
CA PHE C 237 -33.92 1.36 -10.56
C PHE C 237 -34.16 0.96 -9.11
N PHE C 238 -34.44 -0.34 -8.91
CA PHE C 238 -34.67 -0.86 -7.57
C PHE C 238 -33.36 -0.88 -6.80
N ASP C 239 -33.28 -0.10 -5.71
CA ASP C 239 -32.06 0.02 -4.93
C ASP C 239 -32.25 -0.42 -3.48
N GLN C 240 -33.36 -1.09 -3.16
CA GLN C 240 -33.60 -1.61 -1.82
C GLN C 240 -33.07 -3.04 -1.74
N ILE C 241 -31.73 -3.15 -1.75
CA ILE C 241 -31.09 -4.46 -1.80
C ILE C 241 -31.51 -5.33 -0.62
N ASP C 242 -31.79 -4.72 0.53
CA ASP C 242 -32.17 -5.49 1.71
C ASP C 242 -33.51 -6.21 1.52
N GLU C 243 -34.36 -5.73 0.61
CA GLU C 243 -35.65 -6.36 0.33
C GLU C 243 -35.65 -7.12 -1.00
N LEU C 244 -34.50 -7.28 -1.64
CA LEU C 244 -34.47 -7.94 -2.94
C LEU C 244 -35.03 -9.35 -2.89
N PRO C 245 -34.75 -10.18 -1.89
CA PRO C 245 -35.34 -11.53 -1.85
C PRO C 245 -36.86 -11.53 -1.94
N THR C 246 -37.52 -10.43 -1.57
CA THR C 246 -38.98 -10.37 -1.68
C THR C 246 -39.42 -10.17 -3.12
N TYR C 247 -38.79 -9.23 -3.82
CA TYR C 247 -39.22 -8.82 -5.14
C TYR C 247 -38.47 -9.52 -6.28
N TRP C 248 -37.53 -10.41 -5.96
CA TRP C 248 -36.78 -11.17 -6.97
C TRP C 248 -36.95 -12.64 -6.65
N SER C 249 -37.75 -13.34 -7.48
CA SER C 249 -38.11 -14.72 -7.19
C SER C 249 -36.90 -15.64 -7.16
N GLU C 250 -35.99 -15.50 -8.13
CA GLU C 250 -34.87 -16.41 -8.30
C GLU C 250 -33.65 -16.03 -7.46
N CYS C 251 -33.84 -15.22 -6.42
CA CYS C 251 -32.71 -14.68 -5.68
C CYS C 251 -31.85 -15.78 -5.06
N GLY C 252 -30.55 -15.76 -5.39
CA GLY C 252 -29.56 -16.58 -4.72
C GLY C 252 -29.54 -18.04 -5.06
N LYS C 253 -30.18 -18.46 -6.16
CA LYS C 253 -30.23 -19.87 -6.52
C LYS C 253 -29.16 -20.28 -7.52
N ASN C 254 -28.33 -19.35 -7.99
CA ASN C 254 -27.13 -19.70 -8.73
C ASN C 254 -26.00 -19.89 -7.73
N THR C 255 -25.41 -21.08 -7.72
CA THR C 255 -24.39 -21.43 -6.73
C THR C 255 -23.05 -21.76 -7.37
N GLU C 256 -22.80 -21.31 -8.60
CA GLU C 256 -21.51 -21.54 -9.21
C GLU C 256 -20.43 -20.76 -8.48
N SER C 257 -19.24 -21.34 -8.40
CA SER C 257 -18.11 -20.62 -7.83
C SER C 257 -17.68 -19.50 -8.77
N VAL C 258 -16.98 -18.52 -8.20
CA VAL C 258 -16.51 -17.39 -9.01
C VAL C 258 -15.61 -17.89 -10.14
N GLY C 259 -14.83 -18.94 -9.90
CA GLY C 259 -13.98 -19.48 -10.95
C GLY C 259 -14.78 -20.01 -12.12
N GLN C 260 -15.83 -20.78 -11.83
CA GLN C 260 -16.69 -21.29 -12.89
C GLN C 260 -17.31 -20.16 -13.68
N LEU C 261 -17.69 -19.07 -12.99
CA LEU C 261 -18.35 -17.96 -13.65
C LEU C 261 -17.37 -17.15 -14.48
N TRP C 262 -16.14 -16.98 -14.00
CA TRP C 262 -15.13 -16.25 -14.78
C TRP C 262 -14.85 -16.97 -16.09
N LEU C 263 -14.55 -18.27 -16.02
CA LEU C 263 -14.37 -19.04 -17.24
C LEU C 263 -15.64 -19.00 -18.09
N GLY C 264 -16.80 -19.15 -17.46
CA GLY C 264 -18.05 -19.09 -18.19
C GLY C 264 -18.23 -17.79 -18.95
N LEU C 265 -17.81 -16.67 -18.33
CA LEU C 265 -17.87 -15.39 -19.01
C LEU C 265 -16.99 -15.40 -20.25
N LEU C 266 -15.74 -15.87 -20.10
CA LEU C 266 -14.83 -15.93 -21.24
C LEU C 266 -15.40 -16.81 -22.35
N ARG C 267 -15.98 -17.96 -21.97
CA ARG C 267 -16.63 -18.82 -22.96
C ARG C 267 -17.86 -18.14 -23.55
N PHE C 268 -18.58 -17.35 -22.75
CA PHE C 268 -19.80 -16.72 -23.22
C PHE C 268 -19.53 -15.78 -24.38
N TYR C 269 -18.50 -14.94 -24.25
CA TYR C 269 -18.22 -13.93 -25.26
C TYR C 269 -17.33 -14.41 -26.39
N THR C 270 -16.77 -15.62 -26.28
CA THR C 270 -15.99 -16.19 -27.38
C THR C 270 -16.73 -17.28 -28.14
N GLU C 271 -17.73 -17.93 -27.53
CA GLU C 271 -18.41 -19.06 -28.14
C GLU C 271 -19.86 -18.80 -28.48
N GLU C 272 -20.60 -18.07 -27.65
CA GLU C 272 -22.06 -18.03 -27.78
C GLU C 272 -22.63 -16.67 -28.13
N PHE C 273 -22.16 -15.58 -27.50
CA PHE C 273 -22.79 -14.29 -27.70
C PHE C 273 -22.61 -13.84 -29.15
N ASP C 274 -23.72 -13.45 -29.78
CA ASP C 274 -23.71 -12.98 -31.17
C ASP C 274 -23.59 -11.45 -31.15
N PHE C 275 -22.38 -10.95 -31.39
CA PHE C 275 -22.10 -9.52 -31.30
C PHE C 275 -22.79 -8.71 -32.40
N LYS C 276 -23.16 -9.34 -33.52
CA LYS C 276 -23.80 -8.63 -34.63
C LYS C 276 -25.31 -8.84 -34.67
N GLU C 277 -25.88 -9.57 -33.72
CA GLU C 277 -27.33 -9.72 -33.62
C GLU C 277 -27.90 -9.24 -32.31
N HIS C 278 -27.11 -9.11 -31.25
CA HIS C 278 -27.63 -8.75 -29.94
C HIS C 278 -26.81 -7.62 -29.33
N VAL C 279 -27.48 -6.83 -28.52
CA VAL C 279 -26.88 -5.69 -27.82
C VAL C 279 -26.67 -6.07 -26.37
N ILE C 280 -25.50 -5.72 -25.83
CA ILE C 280 -25.24 -5.89 -24.40
C ILE C 280 -25.98 -4.76 -23.69
N SER C 281 -27.07 -5.12 -23.00
CA SER C 281 -27.94 -4.14 -22.36
C SER C 281 -28.40 -4.68 -21.03
N ILE C 282 -28.06 -3.98 -19.93
CA ILE C 282 -28.42 -4.43 -18.60
C ILE C 282 -29.75 -3.84 -18.12
N ARG C 283 -30.39 -2.96 -18.90
CA ARG C 283 -31.66 -2.38 -18.47
C ARG C 283 -32.85 -3.29 -18.70
N ARG C 284 -32.67 -4.43 -19.37
CA ARG C 284 -33.79 -5.28 -19.74
C ARG C 284 -33.28 -6.71 -19.86
N LYS C 285 -34.12 -7.66 -19.47
CA LYS C 285 -33.71 -9.06 -19.49
C LYS C 285 -33.89 -9.68 -20.88
N SER C 286 -34.96 -9.32 -21.59
CA SER C 286 -35.18 -9.88 -22.90
C SER C 286 -34.11 -9.38 -23.86
N LEU C 287 -33.71 -10.24 -24.78
CA LEU C 287 -32.61 -9.94 -25.68
C LEU C 287 -32.96 -8.79 -26.62
N LEU C 288 -31.99 -7.91 -26.83
CA LEU C 288 -32.17 -6.69 -27.60
C LEU C 288 -31.31 -6.77 -28.86
N THR C 289 -31.93 -6.54 -30.01
CA THR C 289 -31.26 -6.74 -31.29
C THR C 289 -30.65 -5.44 -31.81
N THR C 290 -29.48 -5.57 -32.44
CA THR C 290 -28.82 -4.40 -33.04
C THR C 290 -29.69 -3.80 -34.14
N PHE C 291 -30.33 -4.65 -34.95
CA PHE C 291 -31.30 -4.20 -35.93
C PHE C 291 -32.28 -3.19 -35.32
N LYS C 292 -32.60 -3.35 -34.04
CA LYS C 292 -33.61 -2.52 -33.40
C LYS C 292 -33.12 -1.11 -33.10
N LYS C 293 -31.81 -0.88 -33.05
CA LYS C 293 -31.25 0.39 -32.60
C LYS C 293 -30.32 1.01 -33.64
N GLN C 294 -30.67 0.89 -34.91
CA GLN C 294 -29.95 1.61 -35.96
C GLN C 294 -28.44 1.37 -35.89
N TYR C 299 -18.80 -3.25 -33.97
CA TYR C 299 -19.04 -4.68 -33.85
C TYR C 299 -19.48 -5.04 -32.44
N ILE C 300 -18.87 -4.41 -31.44
CA ILE C 300 -19.28 -4.56 -30.05
C ILE C 300 -20.23 -3.42 -29.72
N VAL C 301 -21.46 -3.76 -29.35
CA VAL C 301 -22.51 -2.79 -29.06
C VAL C 301 -22.90 -2.95 -27.61
N ILE C 302 -22.70 -1.89 -26.83
CA ILE C 302 -23.02 -1.88 -25.40
C ILE C 302 -23.87 -0.66 -25.13
N GLU C 303 -25.11 -0.88 -24.68
CA GLU C 303 -26.06 0.19 -24.45
C GLU C 303 -25.90 0.70 -23.02
N ASP C 304 -25.75 2.01 -22.88
CA ASP C 304 -25.73 2.59 -21.55
C ASP C 304 -27.09 2.35 -20.89
N PRO C 305 -27.12 1.97 -19.61
CA PRO C 305 -28.41 1.62 -18.99
C PRO C 305 -29.40 2.77 -18.91
N PHE C 306 -28.95 4.01 -18.93
CA PHE C 306 -29.84 5.16 -18.81
C PHE C 306 -29.95 5.94 -20.11
N ASP C 307 -28.83 6.40 -20.66
CA ASP C 307 -28.81 7.11 -21.94
C ASP C 307 -28.86 6.06 -23.04
N LEU C 308 -30.08 5.77 -23.54
CA LEU C 308 -30.28 4.67 -24.48
C LEU C 308 -29.77 4.99 -25.89
N ASN C 309 -29.28 6.20 -26.14
CA ASN C 309 -28.64 6.52 -27.41
C ASN C 309 -27.12 6.42 -27.34
N HIS C 310 -26.57 6.06 -26.20
CA HIS C 310 -25.12 5.99 -25.99
C HIS C 310 -24.65 4.54 -26.11
N ASN C 311 -23.84 4.26 -27.13
CA ASN C 311 -23.22 2.96 -27.30
C ASN C 311 -21.76 3.07 -26.85
N LEU C 312 -21.41 2.36 -25.78
CA LEU C 312 -20.06 2.45 -25.22
C LEU C 312 -19.00 1.85 -26.13
N GLY C 313 -19.38 1.18 -27.21
CA GLY C 313 -18.42 0.62 -28.13
C GLY C 313 -18.39 1.37 -29.45
N ALA C 314 -18.93 2.59 -29.46
CA ALA C 314 -19.05 3.35 -30.70
C ALA C 314 -17.70 3.78 -31.23
N GLY C 315 -16.73 4.04 -30.36
CA GLY C 315 -15.42 4.48 -30.79
C GLY C 315 -14.47 3.37 -31.18
N LEU C 316 -14.93 2.12 -31.23
CA LEU C 316 -14.04 0.99 -31.49
C LEU C 316 -13.69 0.91 -32.97
N SER C 317 -12.40 0.72 -33.25
CA SER C 317 -11.92 0.37 -34.57
C SER C 317 -11.91 -1.15 -34.75
N ARG C 318 -11.70 -1.57 -35.99
CA ARG C 318 -11.69 -3.00 -36.29
C ARG C 318 -10.50 -3.69 -35.64
N LYS C 319 -9.29 -3.14 -35.83
CA LYS C 319 -8.11 -3.77 -35.25
C LYS C 319 -8.20 -3.80 -33.73
N MET C 320 -8.77 -2.76 -33.12
CA MET C 320 -8.93 -2.77 -31.66
C MET C 320 -9.98 -3.78 -31.24
N THR C 321 -11.04 -3.94 -32.03
CA THR C 321 -12.04 -4.97 -31.72
C THR C 321 -11.41 -6.36 -31.79
N ASN C 322 -10.67 -6.64 -32.86
CA ASN C 322 -10.02 -7.94 -32.98
C ASN C 322 -8.99 -8.16 -31.89
N PHE C 323 -8.29 -7.10 -31.47
CA PHE C 323 -7.33 -7.23 -30.38
C PHE C 323 -8.03 -7.64 -29.09
N ILE C 324 -9.21 -7.07 -28.82
CA ILE C 324 -9.98 -7.45 -27.65
C ILE C 324 -10.43 -8.91 -27.77
N MET C 325 -11.06 -9.27 -28.89
CA MET C 325 -11.51 -10.63 -29.09
C MET C 325 -10.35 -11.61 -28.96
N LYS C 326 -9.17 -11.24 -29.49
CA LYS C 326 -8.01 -12.10 -29.39
C LYS C 326 -7.60 -12.31 -27.95
N ALA C 327 -7.74 -11.27 -27.11
CA ALA C 327 -7.39 -11.40 -25.71
C ALA C 327 -8.37 -12.31 -24.97
N PHE C 328 -9.66 -12.22 -25.30
CA PHE C 328 -10.64 -13.10 -24.67
C PHE C 328 -10.41 -14.55 -25.06
N ILE C 329 -10.08 -14.79 -26.34
CA ILE C 329 -9.79 -16.15 -26.79
C ILE C 329 -8.61 -16.72 -26.01
N ASN C 330 -7.55 -15.93 -25.85
CA ASN C 330 -6.37 -16.41 -25.13
C ASN C 330 -6.66 -16.59 -23.65
N GLY C 331 -7.47 -15.70 -23.08
CA GLY C 331 -7.87 -15.88 -21.69
C GLY C 331 -8.64 -17.17 -21.48
N ARG C 332 -9.49 -17.52 -22.45
CA ARG C 332 -10.17 -18.81 -22.41
C ARG C 332 -9.18 -19.97 -22.34
N ARG C 333 -8.09 -19.90 -23.10
CA ARG C 333 -7.08 -20.96 -23.04
C ARG C 333 -6.46 -21.04 -21.65
N VAL C 334 -5.96 -19.92 -21.13
CA VAL C 334 -5.19 -19.94 -19.89
C VAL C 334 -6.08 -20.37 -18.73
N PHE C 335 -7.26 -19.78 -18.61
CA PHE C 335 -8.14 -20.06 -17.47
C PHE C 335 -8.90 -21.37 -17.62
N GLY C 336 -8.93 -21.96 -18.82
CA GLY C 336 -9.72 -23.15 -19.05
C GLY C 336 -8.93 -24.43 -19.17
N ILE C 337 -7.61 -24.33 -19.35
CA ILE C 337 -6.77 -25.50 -19.58
C ILE C 337 -5.64 -25.54 -18.54
N PRO C 338 -5.69 -26.44 -17.55
CA PRO C 338 -4.50 -26.63 -16.71
C PRO C 338 -3.31 -27.03 -17.58
N VAL C 339 -2.13 -26.58 -17.20
CA VAL C 339 -0.93 -26.79 -17.99
C VAL C 339 0.08 -27.60 -17.18
N LYS C 340 0.89 -28.37 -17.91
CA LYS C 340 1.90 -29.21 -17.28
C LYS C 340 2.90 -28.34 -16.51
N GLY C 341 3.15 -28.72 -15.26
CA GLY C 341 4.07 -28.00 -14.40
C GLY C 341 3.42 -27.02 -13.45
N PHE C 342 2.11 -26.81 -13.57
CA PHE C 342 1.40 -25.88 -12.70
C PHE C 342 0.82 -26.66 -11.52
N PRO C 343 0.83 -26.08 -10.31
CA PRO C 343 1.27 -24.75 -9.89
C PRO C 343 2.67 -24.67 -9.25
N LYS C 344 3.38 -25.79 -9.15
CA LYS C 344 4.62 -25.80 -8.38
C LYS C 344 5.85 -25.41 -9.20
N ASP C 345 5.68 -25.02 -10.46
CA ASP C 345 6.76 -24.43 -11.25
C ASP C 345 6.61 -22.92 -11.41
N TYR C 346 5.62 -22.32 -10.74
CA TYR C 346 5.31 -20.91 -10.92
C TYR C 346 5.26 -20.26 -9.54
N PRO C 347 6.07 -19.24 -9.26
CA PRO C 347 6.04 -18.63 -7.93
C PRO C 347 4.81 -17.76 -7.68
N SER C 348 4.14 -17.28 -8.73
CA SER C 348 3.01 -16.36 -8.58
C SER C 348 1.89 -16.81 -9.51
N LYS C 349 0.70 -17.04 -8.94
CA LYS C 349 -0.44 -17.44 -9.75
C LYS C 349 -0.99 -16.27 -10.54
N MET C 350 -0.84 -15.04 -10.02
CA MET C 350 -1.26 -13.86 -10.76
C MET C 350 -0.42 -13.68 -12.02
N GLU C 351 0.89 -13.85 -11.91
CA GLU C 351 1.77 -13.68 -13.06
C GLU C 351 1.55 -14.74 -14.13
N TYR C 352 1.03 -15.91 -13.75
CA TYR C 352 0.77 -16.94 -14.75
C TYR C 352 -0.50 -16.65 -15.54
N PHE C 353 -1.61 -16.35 -14.84
CA PHE C 353 -2.88 -16.15 -15.50
C PHE C 353 -2.97 -14.81 -16.21
N PHE C 354 -2.22 -13.81 -15.75
CA PHE C 354 -2.28 -12.45 -16.31
C PHE C 354 -0.95 -12.05 -16.93
N ASP C 355 -0.30 -12.99 -17.61
CA ASP C 355 0.92 -12.68 -18.35
C ASP C 355 0.56 -11.98 -19.66
N PRO C 356 0.95 -10.71 -19.85
CA PRO C 356 0.58 -10.05 -21.11
C PRO C 356 1.21 -10.70 -22.33
N ASP C 357 2.40 -11.28 -22.20
CA ASP C 357 3.03 -11.95 -23.33
C ASP C 357 2.26 -13.18 -23.79
N VAL C 358 1.35 -13.71 -22.96
CA VAL C 358 0.50 -14.83 -23.34
C VAL C 358 -0.86 -14.35 -23.83
N LEU C 359 -1.46 -13.40 -23.11
CA LEU C 359 -2.81 -12.97 -23.46
C LEU C 359 -2.81 -12.11 -24.72
N THR C 360 -1.78 -11.26 -24.88
CA THR C 360 -1.65 -10.43 -26.06
C THR C 360 -0.55 -10.93 -26.99
N GLU C 361 0.05 -12.08 -26.69
CA GLU C 361 1.10 -12.66 -27.52
C GLU C 361 2.21 -11.65 -27.78
N GLY C 362 2.58 -10.90 -26.76
CA GLY C 362 3.70 -9.98 -26.83
C GLY C 362 3.53 -8.84 -27.81
N GLU C 363 2.30 -8.40 -28.06
CA GLU C 363 2.04 -7.34 -29.03
C GLU C 363 1.45 -6.12 -28.34
N LEU C 364 1.52 -4.98 -29.03
CA LEU C 364 1.18 -3.67 -28.48
C LEU C 364 -0.25 -3.29 -28.88
N ALA C 365 -0.99 -2.76 -27.92
CA ALA C 365 -2.39 -2.44 -28.17
C ALA C 365 -2.50 -1.33 -29.22
N PRO C 366 -3.28 -1.52 -30.29
CA PRO C 366 -3.31 -0.52 -31.36
C PRO C 366 -3.66 0.87 -30.83
N ASN C 367 -3.10 1.88 -31.50
CA ASN C 367 -3.30 3.28 -31.10
C ASN C 367 -3.43 4.17 -32.34
#